data_281D
# 
_entry.id   281D 
# 
_audit_conform.dict_name       mmcif_pdbx.dic 
_audit_conform.dict_version    5.387 
_audit_conform.dict_location   http://mmcif.pdb.org/dictionaries/ascii/mmcif_pdbx.dic 
# 
loop_
_database_2.database_id 
_database_2.database_code 
_database_2.pdbx_database_accession 
_database_2.pdbx_DOI 
PDB   281D         pdb_0000281d 10.2210/pdb281d/pdb 
RCSB  ADH076       ?            ?                   
WWPDB D_1000177693 ?            ?                   
# 
loop_
_pdbx_audit_revision_history.ordinal 
_pdbx_audit_revision_history.data_content_type 
_pdbx_audit_revision_history.major_revision 
_pdbx_audit_revision_history.minor_revision 
_pdbx_audit_revision_history.revision_date 
1 'Structure model' 1 0 1996-09-16 
2 'Structure model' 1 1 2008-05-22 
3 'Structure model' 1 2 2011-07-13 
4 'Structure model' 1 3 2024-02-14 
# 
_pdbx_audit_revision_details.ordinal             1 
_pdbx_audit_revision_details.revision_ordinal    1 
_pdbx_audit_revision_details.data_content_type   'Structure model' 
_pdbx_audit_revision_details.provider            repository 
_pdbx_audit_revision_details.type                'Initial release' 
_pdbx_audit_revision_details.description         ? 
_pdbx_audit_revision_details.details             ? 
# 
loop_
_pdbx_audit_revision_group.ordinal 
_pdbx_audit_revision_group.revision_ordinal 
_pdbx_audit_revision_group.data_content_type 
_pdbx_audit_revision_group.group 
1 2 'Structure model' 'Version format compliance' 
2 3 'Structure model' 'Version format compliance' 
3 4 'Structure model' 'Data collection'           
4 4 'Structure model' 'Database references'       
# 
loop_
_pdbx_audit_revision_category.ordinal 
_pdbx_audit_revision_category.revision_ordinal 
_pdbx_audit_revision_category.data_content_type 
_pdbx_audit_revision_category.category 
1 4 'Structure model' chem_comp_atom 
2 4 'Structure model' chem_comp_bond 
3 4 'Structure model' database_2     
# 
loop_
_pdbx_audit_revision_item.ordinal 
_pdbx_audit_revision_item.revision_ordinal 
_pdbx_audit_revision_item.data_content_type 
_pdbx_audit_revision_item.item 
1 4 'Structure model' '_database_2.pdbx_DOI'                
2 4 'Structure model' '_database_2.pdbx_database_accession' 
# 
_pdbx_database_status.status_code                     REL 
_pdbx_database_status.entry_id                        281D 
_pdbx_database_status.recvd_initial_deposition_date   1996-08-23 
_pdbx_database_status.deposit_site                    NDB 
_pdbx_database_status.process_site                    NDB 
_pdbx_database_status.SG_entry                        . 
_pdbx_database_status.pdb_format_compatible           Y 
_pdbx_database_status.status_code_mr                  ? 
_pdbx_database_status.status_code_sf                  ? 
_pdbx_database_status.status_code_cs                  ? 
_pdbx_database_status.status_code_nmr_data            ? 
_pdbx_database_status.methods_development_category    ? 
# 
loop_
_audit_author.name 
_audit_author.pdbx_ordinal 
'Nunn, C.M.' 1 
'Neidle, S.' 2 
# 
_citation.id                        primary 
_citation.title                     'Structure of the A-DNA octamer d(GGCATGCC).' 
_citation.journal_abbrev            'Acta Crystallogr.,Sect.D' 
_citation.journal_volume            53 
_citation.page_first                269 
_citation.page_last                 273 
_citation.year                      1997 
_citation.journal_id_ASTM           ABCRE6 
_citation.country                   DK 
_citation.journal_id_ISSN           0907-4449 
_citation.journal_id_CSD            0766 
_citation.book_publisher            ? 
_citation.pdbx_database_id_PubMed   15299929 
_citation.pdbx_database_id_DOI      10.1107/S0907444996014795 
# 
loop_
_citation_author.citation_id 
_citation_author.name 
_citation_author.ordinal 
_citation_author.identifier_ORCID 
primary 'Nunn, C.M.' 1 ? 
primary 'Neidle, S.' 2 ? 
# 
loop_
_entity.id 
_entity.type 
_entity.src_method 
_entity.pdbx_description 
_entity.formula_weight 
_entity.pdbx_number_of_molecules 
_entity.pdbx_ec 
_entity.pdbx_mutation 
_entity.pdbx_fragment 
_entity.details 
1 polymer nat 
;DNA (5'-D(*GP*GP*CP*AP*TP*GP*CP*C)-3')
;
2427.605 2  ? ? ? ? 
2 water   nat water                                    18.015   66 ? ? ? ? 
# 
_entity_poly.entity_id                      1 
_entity_poly.type                           polydeoxyribonucleotide 
_entity_poly.nstd_linkage                   no 
_entity_poly.nstd_monomer                   no 
_entity_poly.pdbx_seq_one_letter_code       '(DG)(DG)(DC)(DA)(DT)(DG)(DC)(DC)' 
_entity_poly.pdbx_seq_one_letter_code_can   GGCATGCC 
_entity_poly.pdbx_strand_id                 A,B 
_entity_poly.pdbx_target_identifier         ? 
# 
_pdbx_entity_nonpoly.entity_id   2 
_pdbx_entity_nonpoly.name        water 
_pdbx_entity_nonpoly.comp_id     HOH 
# 
loop_
_entity_poly_seq.entity_id 
_entity_poly_seq.num 
_entity_poly_seq.mon_id 
_entity_poly_seq.hetero 
1 1 DG n 
1 2 DG n 
1 3 DC n 
1 4 DA n 
1 5 DT n 
1 6 DG n 
1 7 DC n 
1 8 DC n 
# 
loop_
_chem_comp.id 
_chem_comp.type 
_chem_comp.mon_nstd_flag 
_chem_comp.name 
_chem_comp.pdbx_synonyms 
_chem_comp.formula 
_chem_comp.formula_weight 
DA  'DNA linking' y "2'-DEOXYADENOSINE-5'-MONOPHOSPHATE" ? 'C10 H14 N5 O6 P' 331.222 
DC  'DNA linking' y "2'-DEOXYCYTIDINE-5'-MONOPHOSPHATE"  ? 'C9 H14 N3 O7 P'  307.197 
DG  'DNA linking' y "2'-DEOXYGUANOSINE-5'-MONOPHOSPHATE" ? 'C10 H14 N5 O7 P' 347.221 
DT  'DNA linking' y "THYMIDINE-5'-MONOPHOSPHATE"         ? 'C10 H15 N2 O8 P' 322.208 
HOH non-polymer   . WATER                                ? 'H2 O'            18.015  
# 
loop_
_pdbx_poly_seq_scheme.asym_id 
_pdbx_poly_seq_scheme.entity_id 
_pdbx_poly_seq_scheme.seq_id 
_pdbx_poly_seq_scheme.mon_id 
_pdbx_poly_seq_scheme.ndb_seq_num 
_pdbx_poly_seq_scheme.pdb_seq_num 
_pdbx_poly_seq_scheme.auth_seq_num 
_pdbx_poly_seq_scheme.pdb_mon_id 
_pdbx_poly_seq_scheme.auth_mon_id 
_pdbx_poly_seq_scheme.pdb_strand_id 
_pdbx_poly_seq_scheme.pdb_ins_code 
_pdbx_poly_seq_scheme.hetero 
A 1 1 DG 1 1  1  DG G A . n 
A 1 2 DG 2 2  2  DG G A . n 
A 1 3 DC 3 3  3  DC C A . n 
A 1 4 DA 4 4  4  DA A A . n 
A 1 5 DT 5 5  5  DT T A . n 
A 1 6 DG 6 6  6  DG G A . n 
A 1 7 DC 7 7  7  DC C A . n 
A 1 8 DC 8 8  8  DC C A . n 
B 1 1 DG 1 9  9  DG G B . n 
B 1 2 DG 2 10 10 DG G B . n 
B 1 3 DC 3 11 11 DC C B . n 
B 1 4 DA 4 12 12 DA A B . n 
B 1 5 DT 5 13 13 DT T B . n 
B 1 6 DG 6 14 14 DG G B . n 
B 1 7 DC 7 15 15 DC C B . n 
B 1 8 DC 8 16 16 DC C B . n 
# 
loop_
_pdbx_nonpoly_scheme.asym_id 
_pdbx_nonpoly_scheme.entity_id 
_pdbx_nonpoly_scheme.mon_id 
_pdbx_nonpoly_scheme.ndb_seq_num 
_pdbx_nonpoly_scheme.pdb_seq_num 
_pdbx_nonpoly_scheme.auth_seq_num 
_pdbx_nonpoly_scheme.pdb_mon_id 
_pdbx_nonpoly_scheme.auth_mon_id 
_pdbx_nonpoly_scheme.pdb_strand_id 
_pdbx_nonpoly_scheme.pdb_ins_code 
C 2 HOH 1  20 20 HOH HOH A . 
C 2 HOH 2  21 21 HOH HOH A . 
C 2 HOH 3  22 22 HOH HOH A . 
C 2 HOH 4  24 24 HOH HOH A . 
C 2 HOH 5  25 25 HOH HOH A . 
C 2 HOH 6  26 26 HOH HOH A . 
C 2 HOH 7  28 28 HOH HOH A . 
C 2 HOH 8  35 35 HOH HOH A . 
C 2 HOH 9  37 37 HOH HOH A . 
C 2 HOH 10 38 38 HOH HOH A . 
C 2 HOH 11 39 39 HOH HOH A . 
C 2 HOH 12 41 41 HOH HOH A . 
C 2 HOH 13 42 42 HOH HOH A . 
C 2 HOH 14 43 43 HOH HOH A . 
C 2 HOH 15 44 44 HOH HOH A . 
C 2 HOH 16 45 45 HOH HOH A . 
C 2 HOH 17 46 46 HOH HOH A . 
C 2 HOH 18 48 48 HOH HOH A . 
C 2 HOH 19 49 49 HOH HOH A . 
C 2 HOH 20 51 51 HOH HOH A . 
C 2 HOH 21 55 55 HOH HOH A . 
C 2 HOH 22 56 56 HOH HOH A . 
C 2 HOH 23 59 59 HOH HOH A . 
C 2 HOH 24 60 60 HOH HOH A . 
C 2 HOH 25 64 64 HOH HOH A . 
C 2 HOH 26 66 66 HOH HOH A . 
C 2 HOH 27 67 67 HOH HOH A . 
C 2 HOH 28 76 76 HOH HOH A . 
C 2 HOH 29 77 77 HOH HOH A . 
C 2 HOH 30 78 78 HOH HOH A . 
C 2 HOH 31 79 79 HOH HOH A . 
C 2 HOH 32 80 80 HOH HOH A . 
C 2 HOH 33 82 82 HOH HOH A . 
D 2 HOH 1  17 17 HOH HOH B . 
D 2 HOH 2  18 18 HOH HOH B . 
D 2 HOH 3  19 19 HOH HOH B . 
D 2 HOH 4  23 23 HOH HOH B . 
D 2 HOH 5  27 27 HOH HOH B . 
D 2 HOH 6  29 29 HOH HOH B . 
D 2 HOH 7  30 30 HOH HOH B . 
D 2 HOH 8  31 31 HOH HOH B . 
D 2 HOH 9  32 32 HOH HOH B . 
D 2 HOH 10 33 33 HOH HOH B . 
D 2 HOH 11 34 34 HOH HOH B . 
D 2 HOH 12 36 36 HOH HOH B . 
D 2 HOH 13 40 40 HOH HOH B . 
D 2 HOH 14 47 47 HOH HOH B . 
D 2 HOH 15 50 50 HOH HOH B . 
D 2 HOH 16 52 52 HOH HOH B . 
D 2 HOH 17 53 53 HOH HOH B . 
D 2 HOH 18 54 54 HOH HOH B . 
D 2 HOH 19 57 57 HOH HOH B . 
D 2 HOH 20 58 58 HOH HOH B . 
D 2 HOH 21 61 61 HOH HOH B . 
D 2 HOH 22 62 62 HOH HOH B . 
D 2 HOH 23 63 63 HOH HOH B . 
D 2 HOH 24 65 65 HOH HOH B . 
D 2 HOH 25 68 68 HOH HOH B . 
D 2 HOH 26 69 69 HOH HOH B . 
D 2 HOH 27 70 70 HOH HOH B . 
D 2 HOH 28 71 71 HOH HOH B . 
D 2 HOH 29 72 72 HOH HOH B . 
D 2 HOH 30 73 73 HOH HOH B . 
D 2 HOH 31 74 74 HOH HOH B . 
D 2 HOH 32 75 75 HOH HOH B . 
D 2 HOH 33 81 81 HOH HOH B . 
# 
loop_
_software.name 
_software.classification 
_software.version 
_software.citation_id 
_software.pdbx_ordinal 
X-PLOR refinement       3.1 ? 1 
XDS    'data reduction' .   ? 2 
# 
_cell.entry_id           281D 
_cell.length_a           46.291 
_cell.length_b           46.291 
_cell.length_c           42.967 
_cell.angle_alpha        90.00 
_cell.angle_beta         90.00 
_cell.angle_gamma        120.00 
_cell.Z_PDB              12 
_cell.pdbx_unique_axis   ? 
# 
_symmetry.entry_id                         281D 
_symmetry.space_group_name_H-M             'P 61' 
_symmetry.pdbx_full_space_group_name_H-M   ? 
_symmetry.cell_setting                     ? 
_symmetry.Int_Tables_number                169 
# 
_exptl.entry_id          281D 
_exptl.method            'X-RAY DIFFRACTION' 
_exptl.crystals_number   1 
# 
_exptl_crystal.id                    1 
_exptl_crystal.density_meas          ? 
_exptl_crystal.density_Matthews      2.74 
_exptl_crystal.density_percent_sol   55.06 
_exptl_crystal.description           ? 
# 
_exptl_crystal_grow.crystal_id      1 
_exptl_crystal_grow.method          'VAPOR DIFFUSION, SITTING DROP' 
_exptl_crystal_grow.temp            287.00 
_exptl_crystal_grow.temp_details    ? 
_exptl_crystal_grow.pH              7.00 
_exptl_crystal_grow.pdbx_details    'pH 7.00, VAPOR DIFFUSION, SITTING DROP, temperature 287.00K' 
_exptl_crystal_grow.pdbx_pH_range   ? 
# 
loop_
_exptl_crystal_grow_comp.crystal_id 
_exptl_crystal_grow_comp.id 
_exptl_crystal_grow_comp.sol_id 
_exptl_crystal_grow_comp.name 
_exptl_crystal_grow_comp.volume 
_exptl_crystal_grow_comp.conc 
_exptl_crystal_grow_comp.details 
1 1 1 WATER           ? ? ? 
1 2 1 MPD             ? ? ? 
1 3 1 'NA CACODYLATE' ? ? ? 
1 4 1 NH4+            ? ? ? 
1 5 1 '[CO(NH3)6]CL3' ? ? ? 
1 6 2 WATER           ? ? ? 
1 7 2 MPD             ? ? ? 
# 
_diffrn.id                     1 
_diffrn.crystal_id             1 
_diffrn.ambient_temp           ? 
_diffrn.ambient_temp_details   ? 
# 
_diffrn_detector.diffrn_id              1 
_diffrn_detector.detector               'AREA DETECTOR' 
_diffrn_detector.type                   XENTRONICS 
_diffrn_detector.pdbx_collection_date   1996-01-11 
_diffrn_detector.details                ? 
# 
_diffrn_radiation.diffrn_id                        1 
_diffrn_radiation.wavelength_id                    1 
_diffrn_radiation.pdbx_monochromatic_or_laue_m_l   M 
_diffrn_radiation.monochromator                    GRAPHITE 
_diffrn_radiation.pdbx_diffrn_protocol             ? 
_diffrn_radiation.pdbx_scattering_type             x-ray 
# 
_diffrn_radiation_wavelength.id           1 
_diffrn_radiation_wavelength.wavelength   1.5418 
_diffrn_radiation_wavelength.wt           1.0 
# 
_diffrn_source.diffrn_id                   1 
_diffrn_source.source                      'ROTATING ANODE' 
_diffrn_source.type                        ? 
_diffrn_source.pdbx_synchrotron_site       ? 
_diffrn_source.pdbx_synchrotron_beamline   ? 
_diffrn_source.pdbx_wavelength             1.5418 
_diffrn_source.pdbx_wavelength_list        ? 
# 
_reflns.entry_id                     281D 
_reflns.observed_criterion_sigma_I   ? 
_reflns.observed_criterion_sigma_F   ? 
_reflns.d_resolution_low             ? 
_reflns.d_resolution_high            2.380 
_reflns.number_obs                   2167 
_reflns.number_all                   5252 
_reflns.percent_possible_obs         97.000 
_reflns.pdbx_Rmerge_I_obs            0.0390000 
_reflns.pdbx_Rsym_value              ? 
_reflns.pdbx_netI_over_sigmaI        ? 
_reflns.B_iso_Wilson_estimate        ? 
_reflns.pdbx_redundancy              ? 
_reflns.pdbx_diffrn_id               1 
_reflns.pdbx_ordinal                 1 
# 
_refine.entry_id                                 281D 
_refine.ls_number_reflns_obs                     2045 
_refine.ls_number_reflns_all                     ? 
_refine.pdbx_ls_sigma_I                          ? 
_refine.pdbx_ls_sigma_F                          2.000 
_refine.pdbx_data_cutoff_high_absF               ? 
_refine.pdbx_data_cutoff_low_absF                ? 
_refine.pdbx_data_cutoff_high_rms_absF           ? 
_refine.ls_d_res_low                             8.000 
_refine.ls_d_res_high                            2.380 
_refine.ls_percent_reflns_obs                    ? 
_refine.ls_R_factor_obs                          0.1710000 
_refine.ls_R_factor_all                          ? 
_refine.ls_R_factor_R_work                       0.1710000 
_refine.ls_R_factor_R_free                       ? 
_refine.ls_R_factor_R_free_error                 ? 
_refine.ls_R_factor_R_free_error_details         ? 
_refine.ls_percent_reflns_R_free                 ? 
_refine.ls_number_reflns_R_free                  ? 
_refine.ls_number_parameters                     ? 
_refine.ls_number_restraints                     ? 
_refine.occupancy_min                            ? 
_refine.occupancy_max                            ? 
_refine.B_iso_mean                               26.00 
_refine.aniso_B[1][1]                            ? 
_refine.aniso_B[2][2]                            ? 
_refine.aniso_B[3][3]                            ? 
_refine.aniso_B[1][2]                            ? 
_refine.aniso_B[1][3]                            ? 
_refine.aniso_B[2][3]                            ? 
_refine.solvent_model_details                    ? 
_refine.solvent_model_param_ksol                 ? 
_refine.solvent_model_param_bsol                 ? 
_refine.pdbx_ls_cross_valid_method               ? 
_refine.details                                  ? 
_refine.pdbx_starting_model                      ? 
_refine.pdbx_method_to_determine_struct          ? 
_refine.pdbx_isotropic_thermal_model             ? 
_refine.pdbx_stereochemistry_target_values       ? 
_refine.pdbx_stereochem_target_val_spec_case     ? 
_refine.pdbx_R_Free_selection_details            ? 
_refine.pdbx_overall_ESU_R                       ? 
_refine.pdbx_overall_ESU_R_Free                  ? 
_refine.overall_SU_ML                            ? 
_refine.overall_SU_B                             ? 
_refine.pdbx_refine_id                           'X-RAY DIFFRACTION' 
_refine.pdbx_diffrn_id                           1 
_refine.pdbx_TLS_residual_ADP_flag               ? 
_refine.correlation_coeff_Fo_to_Fc               ? 
_refine.correlation_coeff_Fo_to_Fc_free          ? 
_refine.pdbx_solvent_vdw_probe_radii             ? 
_refine.pdbx_solvent_ion_probe_radii             ? 
_refine.pdbx_solvent_shrinkage_radii             ? 
_refine.pdbx_overall_phase_error                 ? 
_refine.overall_SU_R_Cruickshank_DPI             ? 
_refine.pdbx_overall_SU_R_free_Cruickshank_DPI   ? 
_refine.pdbx_overall_SU_R_Blow_DPI               ? 
_refine.pdbx_overall_SU_R_free_Blow_DPI          ? 
# 
_refine_hist.pdbx_refine_id                   'X-RAY DIFFRACTION' 
_refine_hist.cycle_id                         LAST 
_refine_hist.pdbx_number_atoms_protein        0 
_refine_hist.pdbx_number_atoms_nucleic_acid   322 
_refine_hist.pdbx_number_atoms_ligand         0 
_refine_hist.number_atoms_solvent             66 
_refine_hist.number_atoms_total               388 
_refine_hist.d_res_high                       2.380 
_refine_hist.d_res_low                        8.000 
# 
loop_
_refine_ls_restr.type 
_refine_ls_restr.dev_ideal 
_refine_ls_restr.dev_ideal_target 
_refine_ls_restr.weight 
_refine_ls_restr.number 
_refine_ls_restr.pdbx_refine_id 
_refine_ls_restr.pdbx_restraint_function 
x_bond_d                0.009 ? ? ? 'X-RAY DIFFRACTION' ? 
x_bond_d_na             ?     ? ? ? 'X-RAY DIFFRACTION' ? 
x_bond_d_prot           ?     ? ? ? 'X-RAY DIFFRACTION' ? 
x_angle_d               ?     ? ? ? 'X-RAY DIFFRACTION' ? 
x_angle_d_na            ?     ? ? ? 'X-RAY DIFFRACTION' ? 
x_angle_d_prot          ?     ? ? ? 'X-RAY DIFFRACTION' ? 
x_angle_deg             1.48  ? ? ? 'X-RAY DIFFRACTION' ? 
x_angle_deg_na          ?     ? ? ? 'X-RAY DIFFRACTION' ? 
x_angle_deg_prot        ?     ? ? ? 'X-RAY DIFFRACTION' ? 
x_dihedral_angle_d      ?     ? ? ? 'X-RAY DIFFRACTION' ? 
x_dihedral_angle_d_na   ?     ? ? ? 'X-RAY DIFFRACTION' ? 
x_dihedral_angle_d_prot ?     ? ? ? 'X-RAY DIFFRACTION' ? 
x_improper_angle_d      ?     ? ? ? 'X-RAY DIFFRACTION' ? 
x_improper_angle_d_na   ?     ? ? ? 'X-RAY DIFFRACTION' ? 
x_improper_angle_d_prot ?     ? ? ? 'X-RAY DIFFRACTION' ? 
x_mcbond_it             ?     ? ? ? 'X-RAY DIFFRACTION' ? 
x_mcangle_it            ?     ? ? ? 'X-RAY DIFFRACTION' ? 
x_scbond_it             ?     ? ? ? 'X-RAY DIFFRACTION' ? 
x_scangle_it            ?     ? ? ? 'X-RAY DIFFRACTION' ? 
# 
_struct.entry_id                  281D 
_struct.title                     'CRYSTAL STRUCTURE OF THE A-DNA OCTAMER D(GGCATGCC)' 
_struct.pdbx_model_details        ? 
_struct.pdbx_CASP_flag            ? 
_struct.pdbx_model_type_details   ? 
# 
_struct_keywords.entry_id        281D 
_struct_keywords.pdbx_keywords   DNA 
_struct_keywords.text            'A-DNA, DOUBLE HELIX, DNA' 
# 
loop_
_struct_asym.id 
_struct_asym.pdbx_blank_PDB_chainid_flag 
_struct_asym.pdbx_modified 
_struct_asym.entity_id 
_struct_asym.details 
A N N 1 ? 
B N N 1 ? 
C N N 2 ? 
D N N 2 ? 
# 
_struct_ref.id                         1 
_struct_ref.entity_id                  1 
_struct_ref.db_name                    PDB 
_struct_ref.db_code                    281D 
_struct_ref.pdbx_db_accession          281D 
_struct_ref.pdbx_db_isoform            ? 
_struct_ref.pdbx_seq_one_letter_code   ? 
_struct_ref.pdbx_align_begin           ? 
# 
loop_
_struct_ref_seq.align_id 
_struct_ref_seq.ref_id 
_struct_ref_seq.pdbx_PDB_id_code 
_struct_ref_seq.pdbx_strand_id 
_struct_ref_seq.seq_align_beg 
_struct_ref_seq.pdbx_seq_align_beg_ins_code 
_struct_ref_seq.seq_align_end 
_struct_ref_seq.pdbx_seq_align_end_ins_code 
_struct_ref_seq.pdbx_db_accession 
_struct_ref_seq.db_align_beg 
_struct_ref_seq.pdbx_db_align_beg_ins_code 
_struct_ref_seq.db_align_end 
_struct_ref_seq.pdbx_db_align_end_ins_code 
_struct_ref_seq.pdbx_auth_seq_align_beg 
_struct_ref_seq.pdbx_auth_seq_align_end 
1 1 281D A 1 ? 8 ? 281D 1 ? 8  ? 1 8  
2 1 281D B 1 ? 8 ? 281D 9 ? 16 ? 9 16 
# 
_pdbx_struct_assembly.id                   1 
_pdbx_struct_assembly.details              author_defined_assembly 
_pdbx_struct_assembly.method_details       ? 
_pdbx_struct_assembly.oligomeric_details   dimeric 
_pdbx_struct_assembly.oligomeric_count     2 
# 
_pdbx_struct_assembly_gen.assembly_id       1 
_pdbx_struct_assembly_gen.oper_expression   1 
_pdbx_struct_assembly_gen.asym_id_list      A,B,C,D 
# 
_pdbx_struct_oper_list.id                   1 
_pdbx_struct_oper_list.type                 'identity operation' 
_pdbx_struct_oper_list.name                 1_555 
_pdbx_struct_oper_list.symmetry_operation   x,y,z 
_pdbx_struct_oper_list.matrix[1][1]         1.0000000000 
_pdbx_struct_oper_list.matrix[1][2]         0.0000000000 
_pdbx_struct_oper_list.matrix[1][3]         0.0000000000 
_pdbx_struct_oper_list.vector[1]            0.0000000000 
_pdbx_struct_oper_list.matrix[2][1]         0.0000000000 
_pdbx_struct_oper_list.matrix[2][2]         1.0000000000 
_pdbx_struct_oper_list.matrix[2][3]         0.0000000000 
_pdbx_struct_oper_list.vector[2]            0.0000000000 
_pdbx_struct_oper_list.matrix[3][1]         0.0000000000 
_pdbx_struct_oper_list.matrix[3][2]         0.0000000000 
_pdbx_struct_oper_list.matrix[3][3]         1.0000000000 
_pdbx_struct_oper_list.vector[3]            0.0000000000 
# 
_struct_biol.id   1 
# 
loop_
_struct_conn.id 
_struct_conn.conn_type_id 
_struct_conn.pdbx_leaving_atom_flag 
_struct_conn.pdbx_PDB_id 
_struct_conn.ptnr1_label_asym_id 
_struct_conn.ptnr1_label_comp_id 
_struct_conn.ptnr1_label_seq_id 
_struct_conn.ptnr1_label_atom_id 
_struct_conn.pdbx_ptnr1_label_alt_id 
_struct_conn.pdbx_ptnr1_PDB_ins_code 
_struct_conn.pdbx_ptnr1_standard_comp_id 
_struct_conn.ptnr1_symmetry 
_struct_conn.ptnr2_label_asym_id 
_struct_conn.ptnr2_label_comp_id 
_struct_conn.ptnr2_label_seq_id 
_struct_conn.ptnr2_label_atom_id 
_struct_conn.pdbx_ptnr2_label_alt_id 
_struct_conn.pdbx_ptnr2_PDB_ins_code 
_struct_conn.ptnr1_auth_asym_id 
_struct_conn.ptnr1_auth_comp_id 
_struct_conn.ptnr1_auth_seq_id 
_struct_conn.ptnr2_auth_asym_id 
_struct_conn.ptnr2_auth_comp_id 
_struct_conn.ptnr2_auth_seq_id 
_struct_conn.ptnr2_symmetry 
_struct_conn.pdbx_ptnr3_label_atom_id 
_struct_conn.pdbx_ptnr3_label_seq_id 
_struct_conn.pdbx_ptnr3_label_comp_id 
_struct_conn.pdbx_ptnr3_label_asym_id 
_struct_conn.pdbx_ptnr3_label_alt_id 
_struct_conn.pdbx_ptnr3_PDB_ins_code 
_struct_conn.details 
_struct_conn.pdbx_dist_value 
_struct_conn.pdbx_value_order 
_struct_conn.pdbx_role 
hydrog1  hydrog ? ? A DG 1 N1 ? ? ? 1_555 B DC 8 N3 ? ? A DG 1 B DC 16 1_555 ? ? ? ? ? ? WATSON-CRICK ? ? ? 
hydrog2  hydrog ? ? A DG 1 N2 ? ? ? 1_555 B DC 8 O2 ? ? A DG 1 B DC 16 1_555 ? ? ? ? ? ? WATSON-CRICK ? ? ? 
hydrog3  hydrog ? ? A DG 1 O6 ? ? ? 1_555 B DC 8 N4 ? ? A DG 1 B DC 16 1_555 ? ? ? ? ? ? WATSON-CRICK ? ? ? 
hydrog4  hydrog ? ? A DG 2 N1 ? ? ? 1_555 B DC 7 N3 ? ? A DG 2 B DC 15 1_555 ? ? ? ? ? ? WATSON-CRICK ? ? ? 
hydrog5  hydrog ? ? A DG 2 N2 ? ? ? 1_555 B DC 7 O2 ? ? A DG 2 B DC 15 1_555 ? ? ? ? ? ? WATSON-CRICK ? ? ? 
hydrog6  hydrog ? ? A DG 2 O6 ? ? ? 1_555 B DC 7 N4 ? ? A DG 2 B DC 15 1_555 ? ? ? ? ? ? WATSON-CRICK ? ? ? 
hydrog7  hydrog ? ? A DC 3 N3 ? ? ? 1_555 B DG 6 N1 ? ? A DC 3 B DG 14 1_555 ? ? ? ? ? ? WATSON-CRICK ? ? ? 
hydrog8  hydrog ? ? A DC 3 N4 ? ? ? 1_555 B DG 6 O6 ? ? A DC 3 B DG 14 1_555 ? ? ? ? ? ? WATSON-CRICK ? ? ? 
hydrog9  hydrog ? ? A DC 3 O2 ? ? ? 1_555 B DG 6 N2 ? ? A DC 3 B DG 14 1_555 ? ? ? ? ? ? WATSON-CRICK ? ? ? 
hydrog10 hydrog ? ? A DA 4 N1 ? ? ? 1_555 B DT 5 N3 ? ? A DA 4 B DT 13 1_555 ? ? ? ? ? ? WATSON-CRICK ? ? ? 
hydrog11 hydrog ? ? A DA 4 N6 ? ? ? 1_555 B DT 5 O4 ? ? A DA 4 B DT 13 1_555 ? ? ? ? ? ? WATSON-CRICK ? ? ? 
hydrog12 hydrog ? ? A DT 5 N3 ? ? ? 1_555 B DA 4 N1 ? ? A DT 5 B DA 12 1_555 ? ? ? ? ? ? WATSON-CRICK ? ? ? 
hydrog13 hydrog ? ? A DT 5 O4 ? ? ? 1_555 B DA 4 N6 ? ? A DT 5 B DA 12 1_555 ? ? ? ? ? ? WATSON-CRICK ? ? ? 
hydrog14 hydrog ? ? A DG 6 N1 ? ? ? 1_555 B DC 3 N3 ? ? A DG 6 B DC 11 1_555 ? ? ? ? ? ? WATSON-CRICK ? ? ? 
hydrog15 hydrog ? ? A DG 6 N2 ? ? ? 1_555 B DC 3 O2 ? ? A DG 6 B DC 11 1_555 ? ? ? ? ? ? WATSON-CRICK ? ? ? 
hydrog16 hydrog ? ? A DG 6 O6 ? ? ? 1_555 B DC 3 N4 ? ? A DG 6 B DC 11 1_555 ? ? ? ? ? ? WATSON-CRICK ? ? ? 
hydrog17 hydrog ? ? A DC 7 N3 ? ? ? 1_555 B DG 2 N1 ? ? A DC 7 B DG 10 1_555 ? ? ? ? ? ? WATSON-CRICK ? ? ? 
hydrog18 hydrog ? ? A DC 7 N4 ? ? ? 1_555 B DG 2 O6 ? ? A DC 7 B DG 10 1_555 ? ? ? ? ? ? WATSON-CRICK ? ? ? 
hydrog19 hydrog ? ? A DC 7 O2 ? ? ? 1_555 B DG 2 N2 ? ? A DC 7 B DG 10 1_555 ? ? ? ? ? ? WATSON-CRICK ? ? ? 
hydrog20 hydrog ? ? A DC 8 N3 ? ? ? 1_555 B DG 1 N1 ? ? A DC 8 B DG 9  1_555 ? ? ? ? ? ? WATSON-CRICK ? ? ? 
hydrog21 hydrog ? ? A DC 8 N4 ? ? ? 1_555 B DG 1 O6 ? ? A DC 8 B DG 9  1_555 ? ? ? ? ? ? WATSON-CRICK ? ? ? 
hydrog22 hydrog ? ? A DC 8 O2 ? ? ? 1_555 B DG 1 N2 ? ? A DC 8 B DG 9  1_555 ? ? ? ? ? ? WATSON-CRICK ? ? ? 
# 
_struct_conn_type.id          hydrog 
_struct_conn_type.criteria    ? 
_struct_conn_type.reference   ? 
# 
_pdbx_validate_rmsd_angle.id                         1 
_pdbx_validate_rmsd_angle.PDB_model_num              1 
_pdbx_validate_rmsd_angle.auth_atom_id_1             "O4'" 
_pdbx_validate_rmsd_angle.auth_asym_id_1             A 
_pdbx_validate_rmsd_angle.auth_comp_id_1             DG 
_pdbx_validate_rmsd_angle.auth_seq_id_1              2 
_pdbx_validate_rmsd_angle.PDB_ins_code_1             ? 
_pdbx_validate_rmsd_angle.label_alt_id_1             ? 
_pdbx_validate_rmsd_angle.auth_atom_id_2             "C1'" 
_pdbx_validate_rmsd_angle.auth_asym_id_2             A 
_pdbx_validate_rmsd_angle.auth_comp_id_2             DG 
_pdbx_validate_rmsd_angle.auth_seq_id_2              2 
_pdbx_validate_rmsd_angle.PDB_ins_code_2             ? 
_pdbx_validate_rmsd_angle.label_alt_id_2             ? 
_pdbx_validate_rmsd_angle.auth_atom_id_3             N9 
_pdbx_validate_rmsd_angle.auth_asym_id_3             A 
_pdbx_validate_rmsd_angle.auth_comp_id_3             DG 
_pdbx_validate_rmsd_angle.auth_seq_id_3              2 
_pdbx_validate_rmsd_angle.PDB_ins_code_3             ? 
_pdbx_validate_rmsd_angle.label_alt_id_3             ? 
_pdbx_validate_rmsd_angle.angle_value                110.45 
_pdbx_validate_rmsd_angle.angle_target_value         108.30 
_pdbx_validate_rmsd_angle.angle_deviation            2.15 
_pdbx_validate_rmsd_angle.angle_standard_deviation   0.30 
_pdbx_validate_rmsd_angle.linker_flag                N 
# 
loop_
_refine_B_iso.class 
_refine_B_iso.details 
_refine_B_iso.treatment 
_refine_B_iso.pdbx_refine_id 
'ALL ATOMS'  TR isotropic 'X-RAY DIFFRACTION' 
'ALL WATERS' TR isotropic 'X-RAY DIFFRACTION' 
# 
loop_
_refine_occupancy.class 
_refine_occupancy.treatment 
_refine_occupancy.pdbx_refine_id 
'ALL ATOMS'  fix 'X-RAY DIFFRACTION' 
'ALL WATERS' fix 'X-RAY DIFFRACTION' 
# 
loop_
_chem_comp_atom.comp_id 
_chem_comp_atom.atom_id 
_chem_comp_atom.type_symbol 
_chem_comp_atom.pdbx_aromatic_flag 
_chem_comp_atom.pdbx_stereo_config 
_chem_comp_atom.pdbx_ordinal 
DA  OP3    O N N 1   
DA  P      P N N 2   
DA  OP1    O N N 3   
DA  OP2    O N N 4   
DA  "O5'"  O N N 5   
DA  "C5'"  C N N 6   
DA  "C4'"  C N R 7   
DA  "O4'"  O N N 8   
DA  "C3'"  C N S 9   
DA  "O3'"  O N N 10  
DA  "C2'"  C N N 11  
DA  "C1'"  C N R 12  
DA  N9     N Y N 13  
DA  C8     C Y N 14  
DA  N7     N Y N 15  
DA  C5     C Y N 16  
DA  C6     C Y N 17  
DA  N6     N N N 18  
DA  N1     N Y N 19  
DA  C2     C Y N 20  
DA  N3     N Y N 21  
DA  C4     C Y N 22  
DA  HOP3   H N N 23  
DA  HOP2   H N N 24  
DA  "H5'"  H N N 25  
DA  "H5''" H N N 26  
DA  "H4'"  H N N 27  
DA  "H3'"  H N N 28  
DA  "HO3'" H N N 29  
DA  "H2'"  H N N 30  
DA  "H2''" H N N 31  
DA  "H1'"  H N N 32  
DA  H8     H N N 33  
DA  H61    H N N 34  
DA  H62    H N N 35  
DA  H2     H N N 36  
DC  OP3    O N N 37  
DC  P      P N N 38  
DC  OP1    O N N 39  
DC  OP2    O N N 40  
DC  "O5'"  O N N 41  
DC  "C5'"  C N N 42  
DC  "C4'"  C N R 43  
DC  "O4'"  O N N 44  
DC  "C3'"  C N S 45  
DC  "O3'"  O N N 46  
DC  "C2'"  C N N 47  
DC  "C1'"  C N R 48  
DC  N1     N N N 49  
DC  C2     C N N 50  
DC  O2     O N N 51  
DC  N3     N N N 52  
DC  C4     C N N 53  
DC  N4     N N N 54  
DC  C5     C N N 55  
DC  C6     C N N 56  
DC  HOP3   H N N 57  
DC  HOP2   H N N 58  
DC  "H5'"  H N N 59  
DC  "H5''" H N N 60  
DC  "H4'"  H N N 61  
DC  "H3'"  H N N 62  
DC  "HO3'" H N N 63  
DC  "H2'"  H N N 64  
DC  "H2''" H N N 65  
DC  "H1'"  H N N 66  
DC  H41    H N N 67  
DC  H42    H N N 68  
DC  H5     H N N 69  
DC  H6     H N N 70  
DG  OP3    O N N 71  
DG  P      P N N 72  
DG  OP1    O N N 73  
DG  OP2    O N N 74  
DG  "O5'"  O N N 75  
DG  "C5'"  C N N 76  
DG  "C4'"  C N R 77  
DG  "O4'"  O N N 78  
DG  "C3'"  C N S 79  
DG  "O3'"  O N N 80  
DG  "C2'"  C N N 81  
DG  "C1'"  C N R 82  
DG  N9     N Y N 83  
DG  C8     C Y N 84  
DG  N7     N Y N 85  
DG  C5     C Y N 86  
DG  C6     C N N 87  
DG  O6     O N N 88  
DG  N1     N N N 89  
DG  C2     C N N 90  
DG  N2     N N N 91  
DG  N3     N N N 92  
DG  C4     C Y N 93  
DG  HOP3   H N N 94  
DG  HOP2   H N N 95  
DG  "H5'"  H N N 96  
DG  "H5''" H N N 97  
DG  "H4'"  H N N 98  
DG  "H3'"  H N N 99  
DG  "HO3'" H N N 100 
DG  "H2'"  H N N 101 
DG  "H2''" H N N 102 
DG  "H1'"  H N N 103 
DG  H8     H N N 104 
DG  H1     H N N 105 
DG  H21    H N N 106 
DG  H22    H N N 107 
DT  OP3    O N N 108 
DT  P      P N N 109 
DT  OP1    O N N 110 
DT  OP2    O N N 111 
DT  "O5'"  O N N 112 
DT  "C5'"  C N N 113 
DT  "C4'"  C N R 114 
DT  "O4'"  O N N 115 
DT  "C3'"  C N S 116 
DT  "O3'"  O N N 117 
DT  "C2'"  C N N 118 
DT  "C1'"  C N R 119 
DT  N1     N N N 120 
DT  C2     C N N 121 
DT  O2     O N N 122 
DT  N3     N N N 123 
DT  C4     C N N 124 
DT  O4     O N N 125 
DT  C5     C N N 126 
DT  C7     C N N 127 
DT  C6     C N N 128 
DT  HOP3   H N N 129 
DT  HOP2   H N N 130 
DT  "H5'"  H N N 131 
DT  "H5''" H N N 132 
DT  "H4'"  H N N 133 
DT  "H3'"  H N N 134 
DT  "HO3'" H N N 135 
DT  "H2'"  H N N 136 
DT  "H2''" H N N 137 
DT  "H1'"  H N N 138 
DT  H3     H N N 139 
DT  H71    H N N 140 
DT  H72    H N N 141 
DT  H73    H N N 142 
DT  H6     H N N 143 
HOH O      O N N 144 
HOH H1     H N N 145 
HOH H2     H N N 146 
# 
loop_
_chem_comp_bond.comp_id 
_chem_comp_bond.atom_id_1 
_chem_comp_bond.atom_id_2 
_chem_comp_bond.value_order 
_chem_comp_bond.pdbx_aromatic_flag 
_chem_comp_bond.pdbx_stereo_config 
_chem_comp_bond.pdbx_ordinal 
DA  OP3   P      sing N N 1   
DA  OP3   HOP3   sing N N 2   
DA  P     OP1    doub N N 3   
DA  P     OP2    sing N N 4   
DA  P     "O5'"  sing N N 5   
DA  OP2   HOP2   sing N N 6   
DA  "O5'" "C5'"  sing N N 7   
DA  "C5'" "C4'"  sing N N 8   
DA  "C5'" "H5'"  sing N N 9   
DA  "C5'" "H5''" sing N N 10  
DA  "C4'" "O4'"  sing N N 11  
DA  "C4'" "C3'"  sing N N 12  
DA  "C4'" "H4'"  sing N N 13  
DA  "O4'" "C1'"  sing N N 14  
DA  "C3'" "O3'"  sing N N 15  
DA  "C3'" "C2'"  sing N N 16  
DA  "C3'" "H3'"  sing N N 17  
DA  "O3'" "HO3'" sing N N 18  
DA  "C2'" "C1'"  sing N N 19  
DA  "C2'" "H2'"  sing N N 20  
DA  "C2'" "H2''" sing N N 21  
DA  "C1'" N9     sing N N 22  
DA  "C1'" "H1'"  sing N N 23  
DA  N9    C8     sing Y N 24  
DA  N9    C4     sing Y N 25  
DA  C8    N7     doub Y N 26  
DA  C8    H8     sing N N 27  
DA  N7    C5     sing Y N 28  
DA  C5    C6     sing Y N 29  
DA  C5    C4     doub Y N 30  
DA  C6    N6     sing N N 31  
DA  C6    N1     doub Y N 32  
DA  N6    H61    sing N N 33  
DA  N6    H62    sing N N 34  
DA  N1    C2     sing Y N 35  
DA  C2    N3     doub Y N 36  
DA  C2    H2     sing N N 37  
DA  N3    C4     sing Y N 38  
DC  OP3   P      sing N N 39  
DC  OP3   HOP3   sing N N 40  
DC  P     OP1    doub N N 41  
DC  P     OP2    sing N N 42  
DC  P     "O5'"  sing N N 43  
DC  OP2   HOP2   sing N N 44  
DC  "O5'" "C5'"  sing N N 45  
DC  "C5'" "C4'"  sing N N 46  
DC  "C5'" "H5'"  sing N N 47  
DC  "C5'" "H5''" sing N N 48  
DC  "C4'" "O4'"  sing N N 49  
DC  "C4'" "C3'"  sing N N 50  
DC  "C4'" "H4'"  sing N N 51  
DC  "O4'" "C1'"  sing N N 52  
DC  "C3'" "O3'"  sing N N 53  
DC  "C3'" "C2'"  sing N N 54  
DC  "C3'" "H3'"  sing N N 55  
DC  "O3'" "HO3'" sing N N 56  
DC  "C2'" "C1'"  sing N N 57  
DC  "C2'" "H2'"  sing N N 58  
DC  "C2'" "H2''" sing N N 59  
DC  "C1'" N1     sing N N 60  
DC  "C1'" "H1'"  sing N N 61  
DC  N1    C2     sing N N 62  
DC  N1    C6     sing N N 63  
DC  C2    O2     doub N N 64  
DC  C2    N3     sing N N 65  
DC  N3    C4     doub N N 66  
DC  C4    N4     sing N N 67  
DC  C4    C5     sing N N 68  
DC  N4    H41    sing N N 69  
DC  N4    H42    sing N N 70  
DC  C5    C6     doub N N 71  
DC  C5    H5     sing N N 72  
DC  C6    H6     sing N N 73  
DG  OP3   P      sing N N 74  
DG  OP3   HOP3   sing N N 75  
DG  P     OP1    doub N N 76  
DG  P     OP2    sing N N 77  
DG  P     "O5'"  sing N N 78  
DG  OP2   HOP2   sing N N 79  
DG  "O5'" "C5'"  sing N N 80  
DG  "C5'" "C4'"  sing N N 81  
DG  "C5'" "H5'"  sing N N 82  
DG  "C5'" "H5''" sing N N 83  
DG  "C4'" "O4'"  sing N N 84  
DG  "C4'" "C3'"  sing N N 85  
DG  "C4'" "H4'"  sing N N 86  
DG  "O4'" "C1'"  sing N N 87  
DG  "C3'" "O3'"  sing N N 88  
DG  "C3'" "C2'"  sing N N 89  
DG  "C3'" "H3'"  sing N N 90  
DG  "O3'" "HO3'" sing N N 91  
DG  "C2'" "C1'"  sing N N 92  
DG  "C2'" "H2'"  sing N N 93  
DG  "C2'" "H2''" sing N N 94  
DG  "C1'" N9     sing N N 95  
DG  "C1'" "H1'"  sing N N 96  
DG  N9    C8     sing Y N 97  
DG  N9    C4     sing Y N 98  
DG  C8    N7     doub Y N 99  
DG  C8    H8     sing N N 100 
DG  N7    C5     sing Y N 101 
DG  C5    C6     sing N N 102 
DG  C5    C4     doub Y N 103 
DG  C6    O6     doub N N 104 
DG  C6    N1     sing N N 105 
DG  N1    C2     sing N N 106 
DG  N1    H1     sing N N 107 
DG  C2    N2     sing N N 108 
DG  C2    N3     doub N N 109 
DG  N2    H21    sing N N 110 
DG  N2    H22    sing N N 111 
DG  N3    C4     sing N N 112 
DT  OP3   P      sing N N 113 
DT  OP3   HOP3   sing N N 114 
DT  P     OP1    doub N N 115 
DT  P     OP2    sing N N 116 
DT  P     "O5'"  sing N N 117 
DT  OP2   HOP2   sing N N 118 
DT  "O5'" "C5'"  sing N N 119 
DT  "C5'" "C4'"  sing N N 120 
DT  "C5'" "H5'"  sing N N 121 
DT  "C5'" "H5''" sing N N 122 
DT  "C4'" "O4'"  sing N N 123 
DT  "C4'" "C3'"  sing N N 124 
DT  "C4'" "H4'"  sing N N 125 
DT  "O4'" "C1'"  sing N N 126 
DT  "C3'" "O3'"  sing N N 127 
DT  "C3'" "C2'"  sing N N 128 
DT  "C3'" "H3'"  sing N N 129 
DT  "O3'" "HO3'" sing N N 130 
DT  "C2'" "C1'"  sing N N 131 
DT  "C2'" "H2'"  sing N N 132 
DT  "C2'" "H2''" sing N N 133 
DT  "C1'" N1     sing N N 134 
DT  "C1'" "H1'"  sing N N 135 
DT  N1    C2     sing N N 136 
DT  N1    C6     sing N N 137 
DT  C2    O2     doub N N 138 
DT  C2    N3     sing N N 139 
DT  N3    C4     sing N N 140 
DT  N3    H3     sing N N 141 
DT  C4    O4     doub N N 142 
DT  C4    C5     sing N N 143 
DT  C5    C7     sing N N 144 
DT  C5    C6     doub N N 145 
DT  C7    H71    sing N N 146 
DT  C7    H72    sing N N 147 
DT  C7    H73    sing N N 148 
DT  C6    H6     sing N N 149 
HOH O     H1     sing N N 150 
HOH O     H2     sing N N 151 
# 
_ndb_struct_conf_na.entry_id   281D 
_ndb_struct_conf_na.feature    'a-form double helix' 
# 
loop_
_ndb_struct_na_base_pair.model_number 
_ndb_struct_na_base_pair.i_label_asym_id 
_ndb_struct_na_base_pair.i_label_comp_id 
_ndb_struct_na_base_pair.i_label_seq_id 
_ndb_struct_na_base_pair.i_symmetry 
_ndb_struct_na_base_pair.j_label_asym_id 
_ndb_struct_na_base_pair.j_label_comp_id 
_ndb_struct_na_base_pair.j_label_seq_id 
_ndb_struct_na_base_pair.j_symmetry 
_ndb_struct_na_base_pair.shear 
_ndb_struct_na_base_pair.stretch 
_ndb_struct_na_base_pair.stagger 
_ndb_struct_na_base_pair.buckle 
_ndb_struct_na_base_pair.propeller 
_ndb_struct_na_base_pair.opening 
_ndb_struct_na_base_pair.pair_number 
_ndb_struct_na_base_pair.pair_name 
_ndb_struct_na_base_pair.i_auth_asym_id 
_ndb_struct_na_base_pair.i_auth_seq_id 
_ndb_struct_na_base_pair.i_PDB_ins_code 
_ndb_struct_na_base_pair.j_auth_asym_id 
_ndb_struct_na_base_pair.j_auth_seq_id 
_ndb_struct_na_base_pair.j_PDB_ins_code 
_ndb_struct_na_base_pair.hbond_type_28 
_ndb_struct_na_base_pair.hbond_type_12 
1 A DG 1 1_555 B DC 8 1_555 -0.293 -0.155 0.279  -7.140 10.903 4.130  1 A_DG1:DC16_B A 1 ? B 16 ? 19 1 
1 A DG 2 1_555 B DC 7 1_555 -0.106 -0.017 0.114  5.688  8.141  1.956  2 A_DG2:DC15_B A 2 ? B 15 ? 19 1 
1 A DC 3 1_555 B DG 6 1_555 0.178  -0.089 0.016  7.038  -3.714 2.344  3 A_DC3:DG14_B A 3 ? B 14 ? 19 1 
1 A DA 4 1_555 B DT 5 1_555 -0.045 -0.139 0.508  1.354  -5.315 2.035  4 A_DA4:DT13_B A 4 ? B 13 ? 20 1 
1 A DT 5 1_555 B DA 4 1_555 -0.059 -0.185 -0.082 10.161 -0.284 2.739  5 A_DT5:DA12_B A 5 ? B 12 ? 20 1 
1 A DG 6 1_555 B DC 3 1_555 -0.089 -0.033 -0.226 0.148  -9.057 2.605  6 A_DG6:DC11_B A 6 ? B 11 ? 19 1 
1 A DC 7 1_555 B DG 2 1_555 0.235  -0.114 -0.175 -5.762 4.055  1.376  7 A_DC7:DG10_B A 7 ? B 10 ? 19 1 
1 A DC 8 1_555 B DG 1 1_555 0.141  -0.119 0.147  4.929  0.009  -0.441 8 A_DC8:DG9_B  A 8 ? B 9  ? 19 1 
# 
loop_
_ndb_struct_na_base_pair_step.model_number 
_ndb_struct_na_base_pair_step.i_label_asym_id_1 
_ndb_struct_na_base_pair_step.i_label_comp_id_1 
_ndb_struct_na_base_pair_step.i_label_seq_id_1 
_ndb_struct_na_base_pair_step.i_symmetry_1 
_ndb_struct_na_base_pair_step.j_label_asym_id_1 
_ndb_struct_na_base_pair_step.j_label_comp_id_1 
_ndb_struct_na_base_pair_step.j_label_seq_id_1 
_ndb_struct_na_base_pair_step.j_symmetry_1 
_ndb_struct_na_base_pair_step.i_label_asym_id_2 
_ndb_struct_na_base_pair_step.i_label_comp_id_2 
_ndb_struct_na_base_pair_step.i_label_seq_id_2 
_ndb_struct_na_base_pair_step.i_symmetry_2 
_ndb_struct_na_base_pair_step.j_label_asym_id_2 
_ndb_struct_na_base_pair_step.j_label_comp_id_2 
_ndb_struct_na_base_pair_step.j_label_seq_id_2 
_ndb_struct_na_base_pair_step.j_symmetry_2 
_ndb_struct_na_base_pair_step.shift 
_ndb_struct_na_base_pair_step.slide 
_ndb_struct_na_base_pair_step.rise 
_ndb_struct_na_base_pair_step.tilt 
_ndb_struct_na_base_pair_step.roll 
_ndb_struct_na_base_pair_step.twist 
_ndb_struct_na_base_pair_step.x_displacement 
_ndb_struct_na_base_pair_step.y_displacement 
_ndb_struct_na_base_pair_step.helical_rise 
_ndb_struct_na_base_pair_step.inclination 
_ndb_struct_na_base_pair_step.tip 
_ndb_struct_na_base_pair_step.helical_twist 
_ndb_struct_na_base_pair_step.step_number 
_ndb_struct_na_base_pair_step.step_name 
_ndb_struct_na_base_pair_step.i_auth_asym_id_1 
_ndb_struct_na_base_pair_step.i_auth_seq_id_1 
_ndb_struct_na_base_pair_step.i_PDB_ins_code_1 
_ndb_struct_na_base_pair_step.j_auth_asym_id_1 
_ndb_struct_na_base_pair_step.j_auth_seq_id_1 
_ndb_struct_na_base_pair_step.j_PDB_ins_code_1 
_ndb_struct_na_base_pair_step.i_auth_asym_id_2 
_ndb_struct_na_base_pair_step.i_auth_seq_id_2 
_ndb_struct_na_base_pair_step.i_PDB_ins_code_2 
_ndb_struct_na_base_pair_step.j_auth_asym_id_2 
_ndb_struct_na_base_pair_step.j_auth_seq_id_2 
_ndb_struct_na_base_pair_step.j_PDB_ins_code_2 
1 A DG 1 1_555 B DC 8 1_555 A DG 2 1_555 B DC 7 1_555 0.252  -2.248 3.002 3.028  5.182  22.834 -6.963 0.241  2.451 12.808 -7.484 
23.600 1 AA_DG1DG2:DC15DC16_BB A 1 ? B 16 ? A 2 ? B 15 ? 
1 A DG 2 1_555 B DC 7 1_555 A DC 3 1_555 B DG 6 1_555 -0.172 -1.489 3.425 0.929  0.844  36.027 -2.531 0.415  3.385 1.365  -1.501 
36.048 2 AA_DG2DC3:DG14DC15_BB A 2 ? B 15 ? A 3 ? B 14 ? 
1 A DC 3 1_555 B DG 6 1_555 A DA 4 1_555 B DT 5 1_555 0.125  -1.389 3.389 -1.025 5.849  30.108 -3.772 -0.437 3.065 11.124 1.949  
30.675 3 AA_DC3DA4:DT13DG14_BB A 3 ? B 14 ? A 4 ? B 13 ? 
1 A DA 4 1_555 B DT 5 1_555 A DT 5 1_555 B DA 4 1_555 0.111  -1.253 3.217 1.636  7.140  30.331 -3.611 0.087  2.857 13.401 -3.071 
31.183 4 AA_DA4DT5:DA12DT13_BB A 4 ? B 13 ? A 5 ? B 12 ? 
1 A DT 5 1_555 B DA 4 1_555 A DG 6 1_555 B DC 3 1_555 -0.027 -1.255 3.539 2.663  10.738 31.254 -4.052 0.506  2.947 19.193 -4.761 
33.108 5 AA_DT5DG6:DC11DA12_BB A 5 ? B 12 ? A 6 ? B 11 ? 
1 A DG 6 1_555 B DC 3 1_555 A DC 7 1_555 B DG 2 1_555 -0.002 -1.719 3.595 -1.148 3.171  30.857 -3.867 -0.234 3.404 5.937  2.150  
31.036 6 AA_DG6DC7:DG10DC11_BB A 6 ? B 11 ? A 7 ? B 10 ? 
1 A DC 7 1_555 B DG 2 1_555 A DC 8 1_555 B DG 1 1_555 -0.044 -1.836 3.006 -0.346 13.241 32.775 -4.630 0.031  2.128 22.362 0.585  
35.282 7 AA_DC7DC8:DG9DG10_BB  A 7 ? B 10 ? A 8 ? B 9  ? 
# 
_atom_sites.entry_id                    281D 
_atom_sites.fract_transf_matrix[1][1]   0.00470553 
_atom_sites.fract_transf_matrix[1][2]   0.02406173 
_atom_sites.fract_transf_matrix[1][3]   0.00459220 
_atom_sites.fract_transf_matrix[2][1]   -0.01758297 
_atom_sites.fract_transf_matrix[2][2]   0.01717723 
_atom_sites.fract_transf_matrix[2][3]   -0.00424090 
_atom_sites.fract_transf_matrix[3][1]   -0.00781464 
_atom_sites.fract_transf_matrix[3][2]   -0.00262564 
_atom_sites.fract_transf_matrix[3][3]   0.02176503 
_atom_sites.fract_transf_vector[1]      0.540009 
_atom_sites.fract_transf_vector[2]      0.572988 
_atom_sites.fract_transf_vector[3]      0.026998 
# 
loop_
_atom_type.symbol 
C 
N 
O 
P 
# 
loop_
_atom_site.group_PDB 
_atom_site.id 
_atom_site.type_symbol 
_atom_site.label_atom_id 
_atom_site.label_alt_id 
_atom_site.label_comp_id 
_atom_site.label_asym_id 
_atom_site.label_entity_id 
_atom_site.label_seq_id 
_atom_site.pdbx_PDB_ins_code 
_atom_site.Cartn_x 
_atom_site.Cartn_y 
_atom_site.Cartn_z 
_atom_site.occupancy 
_atom_site.B_iso_or_equiv 
_atom_site.pdbx_formal_charge 
_atom_site.auth_seq_id 
_atom_site.auth_comp_id 
_atom_site.auth_asym_id 
_atom_site.auth_atom_id 
_atom_site.pdbx_PDB_model_num 
ATOM   1   O "O5'" . DG  A 1 1 ? -5.682  -8.200  10.266  1.00 31.35 ? 1  DG  A "O5'" 1 
ATOM   2   C "C5'" . DG  A 1 1 ? -6.532  -7.909  11.380  1.00 31.55 ? 1  DG  A "C5'" 1 
ATOM   3   C "C4'" . DG  A 1 1 ? -5.914  -6.823  12.223  1.00 31.65 ? 1  DG  A "C4'" 1 
ATOM   4   O "O4'" . DG  A 1 1 ? -4.678  -7.322  12.783  1.00 31.47 ? 1  DG  A "O4'" 1 
ATOM   5   C "C3'" . DG  A 1 1 ? -5.538  -5.550  11.473  1.00 31.78 ? 1  DG  A "C3'" 1 
ATOM   6   O "O3'" . DG  A 1 1 ? -6.555  -4.559  11.568  1.00 31.96 ? 1  DG  A "O3'" 1 
ATOM   7   C "C2'" . DG  A 1 1 ? -4.325  -5.048  12.233  1.00 31.68 ? 1  DG  A "C2'" 1 
ATOM   8   C "C1'" . DG  A 1 1 ? -3.668  -6.313  12.771  1.00 31.39 ? 1  DG  A "C1'" 1 
ATOM   9   N N9    . DG  A 1 1 ? -2.616  -6.764  11.841  1.00 31.01 ? 1  DG  A N9    1 
ATOM   10  C C8    . DG  A 1 1 ? -2.701  -7.822  10.969  1.00 31.01 ? 1  DG  A C8    1 
ATOM   11  N N7    . DG  A 1 1 ? -1.624  -7.975  10.240  1.00 30.88 ? 1  DG  A N7    1 
ATOM   12  C C5    . DG  A 1 1 ? -0.779  -6.965  10.665  1.00 30.52 ? 1  DG  A C5    1 
ATOM   13  C C6    . DG  A 1 1 ? 0.522   -6.630  10.242  1.00 30.26 ? 1  DG  A C6    1 
ATOM   14  O O6    . DG  A 1 1 ? 1.219   -7.168  9.365   1.00 30.30 ? 1  DG  A O6    1 
ATOM   15  N N1    . DG  A 1 1 ? 1.011   -5.545  10.939  1.00 30.08 ? 1  DG  A N1    1 
ATOM   16  C C2    . DG  A 1 1 ? 0.326   -4.859  11.905  1.00 30.20 ? 1  DG  A C2    1 
ATOM   17  N N2    . DG  A 1 1 ? 0.950   -3.834  12.463  1.00 30.39 ? 1  DG  A N2    1 
ATOM   18  N N3    . DG  A 1 1 ? -0.887  -5.150  12.302  1.00 30.26 ? 1  DG  A N3    1 
ATOM   19  C C4    . DG  A 1 1 ? -1.376  -6.207  11.652  1.00 30.60 ? 1  DG  A C4    1 
ATOM   20  P P     . DG  A 1 2 ? -6.739  -3.518  10.363  1.00 32.21 ? 2  DG  A P     1 
ATOM   21  O OP1   . DG  A 1 2 ? -7.908  -2.672  10.707  1.00 32.32 ? 2  DG  A OP1   1 
ATOM   22  O OP2   . DG  A 1 2 ? -6.693  -4.236  9.068   1.00 32.24 ? 2  DG  A OP2   1 
ATOM   23  O "O5'" . DG  A 1 2 ? -5.434  -2.627  10.442  1.00 31.63 ? 2  DG  A "O5'" 1 
ATOM   24  C "C5'" . DG  A 1 2 ? -5.216  -1.858  11.586  1.00 31.13 ? 2  DG  A "C5'" 1 
ATOM   25  C "C4'" . DG  A 1 2 ? -3.883  -1.170  11.501  1.00 30.92 ? 2  DG  A "C4'" 1 
ATOM   26  O "O4'" . DG  A 1 2 ? -2.866  -2.185  11.364  1.00 30.96 ? 2  DG  A "O4'" 1 
ATOM   27  C "C3'" . DG  A 1 2 ? -3.752  -0.353  10.226  1.00 30.80 ? 2  DG  A "C3'" 1 
ATOM   28  O "O3'" . DG  A 1 2 ? -4.076  0.998   10.486  1.00 30.76 ? 2  DG  A "O3'" 1 
ATOM   29  C "C2'" . DG  A 1 2 ? -2.266  -0.380  9.954   1.00 30.92 ? 2  DG  A "C2'" 1 
ATOM   30  C "C1'" . DG  A 1 2 ? -1.788  -1.641  10.632  1.00 30.94 ? 2  DG  A "C1'" 1 
ATOM   31  N N9    . DG  A 1 2 ? -1.241  -2.627  9.730   1.00 31.00 ? 2  DG  A N9    1 
ATOM   32  C C8    . DG  A 1 2 ? -1.829  -3.702  9.099   1.00 30.92 ? 2  DG  A C8    1 
ATOM   33  N N7    . DG  A 1 2 ? -0.995  -4.347  8.316   1.00 31.10 ? 2  DG  A N7    1 
ATOM   34  C C5    . DG  A 1 2 ? 0.207   -3.657  8.456   1.00 31.10 ? 2  DG  A C5    1 
ATOM   35  C C6    . DG  A 1 2 ? 1.502   -3.870  7.859   1.00 31.13 ? 2  DG  A C6    1 
ATOM   36  O O6    . DG  A 1 2 ? 1.868   -4.745  7.049   1.00 30.98 ? 2  DG  A O6    1 
ATOM   37  N N1    . DG  A 1 2 ? 2.423   -2.913  8.302   1.00 31.12 ? 2  DG  A N1    1 
ATOM   38  C C2    . DG  A 1 2 ? 2.148   -1.895  9.186   1.00 31.11 ? 2  DG  A C2    1 
ATOM   39  N N2    . DG  A 1 2 ? 3.156   -1.065  9.504   1.00 31.08 ? 2  DG  A N2    1 
ATOM   40  N N3    . DG  A 1 2 ? 0.973   -1.694  9.727   1.00 31.10 ? 2  DG  A N3    1 
ATOM   41  C C4    . DG  A 1 2 ? 0.060   -2.601  9.326   1.00 31.10 ? 2  DG  A C4    1 
ATOM   42  P P     . DC  A 1 3 ? -4.002  2.063   9.296   1.00 30.80 ? 3  DC  A P     1 
ATOM   43  O OP1   . DC  A 1 3 ? -4.653  3.319   9.744   1.00 31.17 ? 3  DC  A OP1   1 
ATOM   44  O OP2   . DC  A 1 3 ? -4.453  1.385   8.046   1.00 30.70 ? 3  DC  A OP2   1 
ATOM   45  O "O5'" . DC  A 1 3 ? -2.451  2.365   9.179   1.00 29.58 ? 3  DC  A "O5'" 1 
ATOM   46  C "C5'" . DC  A 1 3 ? -1.801  3.114   10.183  1.00 27.80 ? 3  DC  A "C5'" 1 
ATOM   47  C "C4'" . DC  A 1 3 ? -0.439  3.524   9.689   1.00 26.67 ? 3  DC  A "C4'" 1 
ATOM   48  O "O4'" . DC  A 1 3 ? 0.381   2.338   9.585   1.00 26.18 ? 3  DC  A "O4'" 1 
ATOM   49  C "C3'" . DC  A 1 3 ? -0.486  4.064   8.273   1.00 26.00 ? 3  DC  A "C3'" 1 
ATOM   50  O "O3'" . DC  A 1 3 ? -0.603  5.472   8.210   1.00 25.38 ? 3  DC  A "O3'" 1 
ATOM   51  C "C2'" . DC  A 1 3 ? 0.878   3.699   7.723   1.00 25.90 ? 3  DC  A "C2'" 1 
ATOM   52  C "C1'" . DC  A 1 3 ? 1.251   2.438   8.470   1.00 25.50 ? 3  DC  A "C1'" 1 
ATOM   53  N N1    . DC  A 1 3 ? 1.017   1.288   7.604   1.00 24.92 ? 3  DC  A N1    1 
ATOM   54  C C2    . DC  A 1 3 ? 2.078   0.817   6.889   1.00 24.52 ? 3  DC  A C2    1 
ATOM   55  O O2    . DC  A 1 3 ? 3.150   1.391   7.018   1.00 24.50 ? 3  DC  A O2    1 
ATOM   56  N N3    . DC  A 1 3 ? 1.917   -0.239  6.062   1.00 24.36 ? 3  DC  A N3    1 
ATOM   57  C C4    . DC  A 1 3 ? 0.714   -0.802  5.931   1.00 24.40 ? 3  DC  A C4    1 
ATOM   58  N N4    . DC  A 1 3 ? 0.587   -1.837  5.087   1.00 24.20 ? 3  DC  A N4    1 
ATOM   59  C C5    . DC  A 1 3 ? -0.414  -0.328  6.655   1.00 24.45 ? 3  DC  A C5    1 
ATOM   60  C C6    . DC  A 1 3 ? -0.217  0.708   7.483   1.00 24.72 ? 3  DC  A C6    1 
ATOM   61  P P     . DA  A 1 4 ? -0.924  6.141   6.800   1.00 24.87 ? 4  DA  A P     1 
ATOM   62  O OP1   . DA  A 1 4 ? -1.209  7.582   6.986   1.00 25.02 ? 4  DA  A OP1   1 
ATOM   63  O OP2   . DA  A 1 4 ? -1.951  5.245   6.194   1.00 24.57 ? 4  DA  A OP2   1 
ATOM   64  O "O5'" . DA  A 1 4 ? 0.455   6.033   6.007   1.00 24.00 ? 4  DA  A "O5'" 1 
ATOM   65  C "C5'" . DA  A 1 4 ? 1.597   6.758   6.457   1.00 22.67 ? 4  DA  A "C5'" 1 
ATOM   66  C "C4'" . DA  A 1 4 ? 2.793   6.502   5.569   1.00 21.86 ? 4  DA  A "C4'" 1 
ATOM   67  O "O4'" . DA  A 1 4 ? 3.131   5.099   5.628   1.00 21.07 ? 4  DA  A "O4'" 1 
ATOM   68  C "C3'" . DA  A 1 4 ? 2.598   6.793   4.085   1.00 21.70 ? 4  DA  A "C3'" 1 
ATOM   69  O "O3'" . DA  A 1 4 ? 3.006   8.123   3.749   1.00 22.19 ? 4  DA  A "O3'" 1 
ATOM   70  C "C2'" . DA  A 1 4 ? 3.549   5.812   3.421   1.00 21.14 ? 4  DA  A "C2'" 1 
ATOM   71  C "C1'" . DA  A 1 4 ? 3.612   4.635   4.381   1.00 20.33 ? 4  DA  A "C1'" 1 
ATOM   72  N N9    . DA  A 1 4 ? 2.736   3.543   3.941   1.00 19.60 ? 4  DA  A N9    1 
ATOM   73  C C8    . DA  A 1 4 ? 1.441   3.272   4.309   1.00 19.02 ? 4  DA  A C8    1 
ATOM   74  N N7    . DA  A 1 4 ? 0.919   2.233   3.698   1.00 18.90 ? 4  DA  A N7    1 
ATOM   75  C C5    . DA  A 1 4 ? 1.944   1.788   2.876   1.00 18.80 ? 4  DA  A C5    1 
ATOM   76  C C6    . DA  A 1 4 ? 2.030   0.723   1.972   1.00 18.74 ? 4  DA  A C6    1 
ATOM   77  N N6    . DA  A 1 4 ? 1.034   -0.129  1.728   1.00 18.97 ? 4  DA  A N6    1 
ATOM   78  N N1    . DA  A 1 4 ? 3.196   0.550   1.314   1.00 18.65 ? 4  DA  A N1    1 
ATOM   79  C C2    . DA  A 1 4 ? 4.198   1.404   1.551   1.00 18.72 ? 4  DA  A C2    1 
ATOM   80  N N3    . DA  A 1 4 ? 4.242   2.441   2.375   1.00 18.94 ? 4  DA  A N3    1 
ATOM   81  C C4    . DA  A 1 4 ? 3.067   2.580   3.014   1.00 19.18 ? 4  DA  A C4    1 
ATOM   82  P P     . DT  A 1 5 ? 2.292   8.885   2.522   1.00 21.97 ? 5  DT  A P     1 
ATOM   83  O OP1   . DT  A 1 5 ? 2.747   10.299  2.481   1.00 22.06 ? 5  DT  A OP1   1 
ATOM   84  O OP2   . DT  A 1 5 ? 0.843   8.574   2.597   1.00 22.18 ? 5  DT  A OP2   1 
ATOM   85  O "O5'" . DT  A 1 5 ? 2.960   8.201   1.270   1.00 21.64 ? 5  DT  A "O5'" 1 
ATOM   86  C "C5'" . DT  A 1 5 ? 4.315   8.489   0.989   1.00 21.19 ? 5  DT  A "C5'" 1 
ATOM   87  C "C4'" . DT  A 1 5 ? 4.801   7.642   -0.159  1.00 20.98 ? 5  DT  A "C4'" 1 
ATOM   88  O "O4'" . DT  A 1 5 ? 4.704   6.248   0.217   1.00 21.07 ? 5  DT  A "O4'" 1 
ATOM   89  C "C3'" . DT  A 1 5 ? 3.912   7.755   -1.379  1.00 20.86 ? 5  DT  A "C3'" 1 
ATOM   90  O "O3'" . DT  A 1 5 ? 4.360   8.788   -2.227  1.00 21.17 ? 5  DT  A "O3'" 1 
ATOM   91  C "C2'" . DT  A 1 5 ? 4.081   6.411   -2.065  1.00 20.93 ? 5  DT  A "C2'" 1 
ATOM   92  C "C1'" . DT  A 1 5 ? 4.393   5.452   -0.924  1.00 20.83 ? 5  DT  A "C1'" 1 
ATOM   93  N N1    . DT  A 1 5 ? 3.205   4.592   -0.603  1.00 20.54 ? 5  DT  A N1    1 
ATOM   94  C C2    . DT  A 1 5 ? 3.131   3.389   -1.263  1.00 20.41 ? 5  DT  A C2    1 
ATOM   95  O O2    . DT  A 1 5 ? 3.980   3.001   -2.050  1.00 20.43 ? 5  DT  A O2    1 
ATOM   96  N N3    . DT  A 1 5 ? 2.019   2.650   -0.970  1.00 20.08 ? 5  DT  A N3    1 
ATOM   97  C C4    . DT  A 1 5 ? 1.003   2.967   -0.102  1.00 20.01 ? 5  DT  A C4    1 
ATOM   98  O O4    . DT  A 1 5 ? 0.062   2.196   0.039   1.00 20.07 ? 5  DT  A O4    1 
ATOM   99  C C5    . DT  A 1 5 ? 1.143   4.228   0.572   1.00 19.78 ? 5  DT  A C5    1 
ATOM   100 C C7    . DT  A 1 5 ? 0.083   4.637   1.540   1.00 19.34 ? 5  DT  A C7    1 
ATOM   101 C C6    . DT  A 1 5 ? 2.223   4.976   0.294   1.00 20.17 ? 5  DT  A C6    1 
ATOM   102 P P     . DG  A 1 6 ? 3.333   9.427   -3.269  1.00 21.28 ? 6  DG  A P     1 
ATOM   103 O OP1   . DG  A 1 6 ? 3.950   10.654  -3.840  1.00 21.51 ? 6  DG  A OP1   1 
ATOM   104 O OP2   . DG  A 1 6 ? 2.044   9.505   -2.542  1.00 21.42 ? 6  DG  A OP2   1 
ATOM   105 O "O5'" . DG  A 1 6 ? 3.246   8.338   -4.424  1.00 20.48 ? 6  DG  A "O5'" 1 
ATOM   106 C "C5'" . DG  A 1 6 ? 4.349   8.216   -5.292  1.00 19.58 ? 6  DG  A "C5'" 1 
ATOM   107 C "C4'" . DG  A 1 6 ? 4.222   7.017   -6.193  1.00 19.08 ? 6  DG  A "C4'" 1 
ATOM   108 O "O4'" . DG  A 1 6 ? 4.156   5.843   -5.369  1.00 18.47 ? 6  DG  A "O4'" 1 
ATOM   109 C "C3'" . DG  A 1 6 ? 2.950   6.969   -7.014  1.00 19.08 ? 6  DG  A "C3'" 1 
ATOM   110 O "O3'" . DG  A 1 6 ? 3.056   7.660   -8.247  1.00 19.56 ? 6  DG  A "O3'" 1 
ATOM   111 C "C2'" . DG  A 1 6 ? 2.749   5.484   -7.241  1.00 18.58 ? 6  DG  A "C2'" 1 
ATOM   112 C "C1'" . DG  A 1 6 ? 3.339   4.865   -5.987  1.00 18.09 ? 6  DG  A "C1'" 1 
ATOM   113 N N9    . DG  A 1 6 ? 2.244   4.561   -5.097  1.00 17.83 ? 6  DG  A N9    1 
ATOM   114 C C8    . DG  A 1 6 ? 1.738   5.325   -4.071  1.00 17.43 ? 6  DG  A C8    1 
ATOM   115 N N7    . DG  A 1 6 ? 0.687   4.781   -3.510  1.00 17.45 ? 6  DG  A N7    1 
ATOM   116 C C5    . DG  A 1 6 ? 0.505   3.581   -4.200  1.00 17.35 ? 6  DG  A C5    1 
ATOM   117 C C6    . DG  A 1 6 ? -0.486  2.532   -4.057  1.00 17.23 ? 6  DG  A C6    1 
ATOM   118 O O6    . DG  A 1 6 ? -1.424  2.434   -3.245  1.00 16.85 ? 6  DG  A O6    1 
ATOM   119 N N1    . DG  A 1 6 ? -0.290  1.521   -4.991  1.00 17.14 ? 6  DG  A N1    1 
ATOM   120 C C2    . DG  A 1 6 ? 0.703   1.503   -5.930  1.00 17.26 ? 6  DG  A C2    1 
ATOM   121 N N2    . DG  A 1 6 ? 0.724   0.469   -6.768  1.00 17.09 ? 6  DG  A N2    1 
ATOM   122 N N3    . DG  A 1 6 ? 1.615   2.435   -6.057  1.00 17.33 ? 6  DG  A N3    1 
ATOM   123 C C4    . DG  A 1 6 ? 1.458   3.439   -5.173  1.00 17.46 ? 6  DG  A C4    1 
ATOM   124 P P     . DC  A 1 7 ? 1.717   8.220   -8.933  1.00 19.98 ? 7  DC  A P     1 
ATOM   125 O OP1   . DC  A 1 7 ? 2.065   9.114   -10.073 1.00 20.05 ? 7  DC  A OP1   1 
ATOM   126 O OP2   . DC  A 1 7 ? 0.795   8.710   -7.872  1.00 19.90 ? 7  DC  A OP2   1 
ATOM   127 O "O5'" . DC  A 1 7 ? 1.088   6.887   -9.521  1.00 19.94 ? 7  DC  A "O5'" 1 
ATOM   128 C "C5'" . DC  A 1 7 ? 1.785   6.200   -10.539 1.00 20.19 ? 7  DC  A "C5'" 1 
ATOM   129 C "C4'" . DC  A 1 7 ? 1.030   4.966   -10.955 1.00 20.29 ? 7  DC  A "C4'" 1 
ATOM   130 O "O4'" . DC  A 1 7 ? 0.982   4.087   -9.809  1.00 20.51 ? 7  DC  A "O4'" 1 
ATOM   131 C "C3'" . DC  A 1 7 ? -0.427  5.228   -11.297 1.00 20.21 ? 7  DC  A "C3'" 1 
ATOM   132 O "O3'" . DC  A 1 7 ? -0.624  5.510   -12.678 1.00 20.15 ? 7  DC  A "O3'" 1 
ATOM   133 C "C2'" . DC  A 1 7 ? -1.079  3.911   -10.958 1.00 20.40 ? 7  DC  A "C2'" 1 
ATOM   134 C "C1'" . DC  A 1 7 ? -0.221  3.354   -9.832  1.00 20.68 ? 7  DC  A "C1'" 1 
ATOM   135 N N1    . DC  A 1 7 ? -0.930  3.594   -8.621  1.00 21.47 ? 7  DC  A N1    1 
ATOM   136 C C2    . DC  A 1 7 ? -1.977  2.742   -8.346  1.00 21.97 ? 7  DC  A C2    1 
ATOM   137 O O2    . DC  A 1 7 ? -2.200  1.823   -9.148  1.00 22.49 ? 7  DC  A O2    1 
ATOM   138 N N3    . DC  A 1 7 ? -2.736  2.940   -7.240  1.00 22.09 ? 7  DC  A N3    1 
ATOM   139 C C4    . DC  A 1 7 ? -2.474  3.970   -6.429  1.00 22.14 ? 7  DC  A C4    1 
ATOM   140 N N4    . DC  A 1 7 ? -3.278  4.145   -5.360  1.00 22.17 ? 7  DC  A N4    1 
ATOM   141 C C5    . DC  A 1 7 ? -1.384  4.870   -6.681  1.00 21.92 ? 7  DC  A C5    1 
ATOM   142 C C6    . DC  A 1 7 ? -0.639  4.638   -7.777  1.00 21.80 ? 7  DC  A C6    1 
ATOM   143 P P     . DC  A 1 8 ? -1.954  6.273   -13.145 1.00 20.44 ? 8  DC  A P     1 
ATOM   144 O OP1   . DC  A 1 8 ? -1.761  6.726   -14.537 1.00 20.72 ? 8  DC  A OP1   1 
ATOM   145 O OP2   . DC  A 1 8 ? -2.411  7.233   -12.103 1.00 20.67 ? 8  DC  A OP2   1 
ATOM   146 O "O5'" . DC  A 1 8 ? -3.085  5.160   -13.164 1.00 20.10 ? 8  DC  A "O5'" 1 
ATOM   147 C "C5'" . DC  A 1 8 ? -3.214  4.309   -14.276 1.00 19.71 ? 8  DC  A "C5'" 1 
ATOM   148 C "C4'" . DC  A 1 8 ? -4.377  3.379   -14.067 1.00 19.80 ? 8  DC  A "C4'" 1 
ATOM   149 O "O4'" . DC  A 1 8 ? -4.270  2.853   -12.730 1.00 20.05 ? 8  DC  A "O4'" 1 
ATOM   150 C "C3'" . DC  A 1 8 ? -5.709  4.101   -14.085 1.00 19.66 ? 8  DC  A "C3'" 1 
ATOM   151 O "O3'" . DC  A 1 8 ? -6.204  4.166   -15.410 1.00 19.37 ? 8  DC  A "O3'" 1 
ATOM   152 C "C2'" . DC  A 1 8 ? -6.565  3.260   -13.161 1.00 19.94 ? 8  DC  A "C2'" 1 
ATOM   153 C "C1'" . DC  A 1 8 ? -5.560  2.646   -12.186 1.00 20.28 ? 8  DC  A "C1'" 1 
ATOM   154 N N1    . DC  A 1 8 ? -5.595  3.267   -10.859 1.00 20.81 ? 8  DC  A N1    1 
ATOM   155 C C2    . DC  A 1 8 ? -6.550  2.832   -9.966  1.00 21.28 ? 8  DC  A C2    1 
ATOM   156 O O2    . DC  A 1 8 ? -7.329  1.921   -10.312 1.00 21.63 ? 8  DC  A O2    1 
ATOM   157 N N3    . DC  A 1 8 ? -6.619  3.405   -8.738  1.00 21.40 ? 8  DC  A N3    1 
ATOM   158 C C4    . DC  A 1 8 ? -5.760  4.361   -8.401  1.00 20.92 ? 8  DC  A C4    1 
ATOM   159 N N4    . DC  A 1 8 ? -5.863  4.882   -7.178  1.00 21.14 ? 8  DC  A N4    1 
ATOM   160 C C5    . DC  A 1 8 ? -4.767  4.825   -9.295  1.00 20.83 ? 8  DC  A C5    1 
ATOM   161 C C6    . DC  A 1 8 ? -4.713  4.251   -10.503 1.00 20.83 ? 8  DC  A C6    1 
ATOM   162 O "O5'" . DG  B 1 1 ? -12.544 0.327   -0.427  1.00 29.32 ? 9  DG  B "O5'" 1 
ATOM   163 C "C5'" . DG  B 1 1 ? -13.736 0.110   -1.146  1.00 29.16 ? 9  DG  B "C5'" 1 
ATOM   164 C "C4'" . DG  B 1 1 ? -13.491 -0.491  -2.509  1.00 29.38 ? 9  DG  B "C4'" 1 
ATOM   165 O "O4'" . DG  B 1 1 ? -13.520 0.582   -3.467  1.00 29.27 ? 9  DG  B "O4'" 1 
ATOM   166 C "C3'" . DG  B 1 1 ? -12.134 -1.166  -2.715  1.00 29.66 ? 9  DG  B "C3'" 1 
ATOM   167 O "O3'" . DG  B 1 1 ? -12.167 -2.577  -2.473  1.00 30.37 ? 9  DG  B "O3'" 1 
ATOM   168 C "C2'" . DG  B 1 1 ? -11.886 -0.965  -4.196  1.00 29.52 ? 9  DG  B "C2'" 1 
ATOM   169 C "C1'" . DG  B 1 1 ? -12.586 0.341   -4.516  1.00 29.65 ? 9  DG  B "C1'" 1 
ATOM   170 N N9    . DG  B 1 1 ? -11.563 1.359   -4.453  1.00 30.13 ? 9  DG  B N9    1 
ATOM   171 C C8    . DG  B 1 1 ? -11.297 2.217   -3.415  1.00 30.48 ? 9  DG  B C8    1 
ATOM   172 N N7    . DG  B 1 1 ? -10.236 2.956   -3.616  1.00 30.49 ? 9  DG  B N7    1 
ATOM   173 C C5    . DG  B 1 1 ? -9.796  2.581   -4.873  1.00 30.41 ? 9  DG  B C5    1 
ATOM   174 C C6    . DG  B 1 1 ? -8.700  3.035   -5.620  1.00 30.42 ? 9  DG  B C6    1 
ATOM   175 O O6    . DG  B 1 1 ? -7.867  3.890   -5.319  1.00 30.25 ? 9  DG  B O6    1 
ATOM   176 N N1    . DG  B 1 1 ? -8.615  2.387   -6.844  1.00 30.72 ? 9  DG  B N1    1 
ATOM   177 C C2    . DG  B 1 1 ? -9.484  1.415   -7.289  1.00 30.63 ? 9  DG  B C2    1 
ATOM   178 N N2    . DG  B 1 1 ? -9.235  0.903   -8.487  1.00 30.69 ? 9  DG  B N2    1 
ATOM   179 N N3    . DG  B 1 1 ? -10.519 0.984   -6.599  1.00 30.48 ? 9  DG  B N3    1 
ATOM   180 C C4    . DG  B 1 1 ? -10.614 1.602   -5.411  1.00 30.35 ? 9  DG  B C4    1 
ATOM   181 P P     . DG  B 1 2 ? -10.816 -3.355  -2.054  1.00 30.66 ? 10 DG  B P     1 
ATOM   182 O OP1   . DG  B 1 2 ? -11.183 -4.723  -1.614  1.00 30.75 ? 10 DG  B OP1   1 
ATOM   183 O OP2   . DG  B 1 2 ? -10.077 -2.458  -1.130  1.00 30.67 ? 10 DG  B OP2   1 
ATOM   184 O "O5'" . DG  B 1 2 ? -9.987  -3.499  -3.407  1.00 30.62 ? 10 DG  B "O5'" 1 
ATOM   185 C "C5'" . DG  B 1 2 ? -10.424 -4.422  -4.403  1.00 31.02 ? 10 DG  B "C5'" 1 
ATOM   186 C "C4'" . DG  B 1 2 ? -9.419  -4.505  -5.525  1.00 31.27 ? 10 DG  B "C4'" 1 
ATOM   187 O "O4'" . DG  B 1 2 ? -9.362  -3.228  -6.189  1.00 31.30 ? 10 DG  B "O4'" 1 
ATOM   188 C "C3'" . DG  B 1 2 ? -7.990  -4.792  -5.087  1.00 31.60 ? 10 DG  B "C3'" 1 
ATOM   189 O "O3'" . DG  B 1 2 ? -7.673  -6.179  -5.196  1.00 32.14 ? 10 DG  B "O3'" 1 
ATOM   190 C "C2'" . DG  B 1 2 ? -7.159  -4.071  -6.135  1.00 31.45 ? 10 DG  B "C2'" 1 
ATOM   191 C "C1'" . DG  B 1 2 ? -8.035  -2.926  -6.599  1.00 31.33 ? 10 DG  B "C1'" 1 
ATOM   192 N N9    . DG  B 1 2 ? -7.649  -1.657  -5.975  1.00 31.52 ? 10 DG  B N9    1 
ATOM   193 C C8    . DG  B 1 2 ? -8.167  -1.092  -4.834  1.00 31.63 ? 10 DG  B C8    1 
ATOM   194 N N7    . DG  B 1 2 ? -7.602  0.046   -4.521  1.00 31.58 ? 10 DG  B N7    1 
ATOM   195 C C5    . DG  B 1 2 ? -6.654  0.243   -5.517  1.00 31.49 ? 10 DG  B C5    1 
ATOM   196 C C6    . DG  B 1 2 ? -5.735  1.302   -5.719  1.00 31.28 ? 10 DG  B C6    1 
ATOM   197 O O6    . DG  B 1 2 ? -5.571  2.318   -5.037  1.00 31.35 ? 10 DG  B O6    1 
ATOM   198 N N1    . DG  B 1 2 ? -4.954  1.092   -6.852  1.00 31.06 ? 10 DG  B N1    1 
ATOM   199 C C2    . DG  B 1 2 ? -5.049  0.003   -7.681  1.00 31.11 ? 10 DG  B C2    1 
ATOM   200 N N2    . DG  B 1 2 ? -4.229  -0.044  -8.719  1.00 30.95 ? 10 DG  B N2    1 
ATOM   201 N N3    . DG  B 1 2 ? -5.896  -0.980  -7.507  1.00 31.39 ? 10 DG  B N3    1 
ATOM   202 C C4    . DG  B 1 2 ? -6.666  -0.799  -6.419  1.00 31.54 ? 10 DG  B C4    1 
ATOM   203 P P     . DC  B 1 3 ? -6.317  -6.729  -4.523  1.00 32.65 ? 11 DC  B P     1 
ATOM   204 O OP1   . DC  B 1 3 ? -6.229  -8.195  -4.725  1.00 32.90 ? 11 DC  B OP1   1 
ATOM   205 O OP2   . DC  B 1 3 ? -6.147  -6.162  -3.159  1.00 32.51 ? 11 DC  B OP2   1 
ATOM   206 O "O5'" . DC  B 1 3 ? -5.187  -6.071  -5.421  1.00 32.32 ? 11 DC  B "O5'" 1 
ATOM   207 C "C5'" . DC  B 1 3 ? -5.058  -6.426  -6.785  1.00 32.01 ? 11 DC  B "C5'" 1 
ATOM   208 C "C4'" . DC  B 1 3 ? -3.838  -5.764  -7.381  1.00 31.83 ? 11 DC  B "C4'" 1 
ATOM   209 O "O4'" . DC  B 1 3 ? -4.063  -4.331  -7.483  1.00 31.65 ? 11 DC  B "O4'" 1 
ATOM   210 C "C3'" . DC  B 1 3 ? -2.628  -5.875  -6.470  1.00 31.89 ? 11 DC  B "C3'" 1 
ATOM   211 O "O3'" . DC  B 1 3 ? -1.864  -7.050  -6.670  1.00 32.06 ? 11 DC  B "O3'" 1 
ATOM   212 C "C2'" . DC  B 1 3 ? -1.806  -4.649  -6.824  1.00 31.62 ? 11 DC  B "C2'" 1 
ATOM   213 C "C1'" . DC  B 1 3 ? -2.837  -3.623  -7.273  1.00 31.13 ? 11 DC  B "C1'" 1 
ATOM   214 N N1    . DC  B 1 3 ? -3.026  -2.644  -6.197  1.00 30.31 ? 11 DC  B N1    1 
ATOM   215 C C2    . DC  B 1 3 ? -2.211  -1.540  -6.185  1.00 30.01 ? 11 DC  B C2    1 
ATOM   216 O O2    . DC  B 1 3 ? -1.408  -1.394  -7.101  1.00 29.65 ? 11 DC  B O2    1 
ATOM   217 N N3    . DC  B 1 3 ? -2.305  -0.647  -5.180  1.00 30.02 ? 11 DC  B N3    1 
ATOM   218 C C4    . DC  B 1 3 ? -3.186  -0.836  -4.204  1.00 30.07 ? 11 DC  B C4    1 
ATOM   219 N N4    . DC  B 1 3 ? -3.235  0.083   -3.222  1.00 30.22 ? 11 DC  B N4    1 
ATOM   220 C C5    . DC  B 1 3 ? -4.058  -1.962  -4.191  1.00 30.00 ? 11 DC  B C5    1 
ATOM   221 C C6    . DC  B 1 3 ? -3.950  -2.827  -5.207  1.00 30.09 ? 11 DC  B C6    1 
ATOM   222 P P     . DA  B 1 4 ? -0.803  -7.470  -5.541  1.00 32.21 ? 12 DA  B P     1 
ATOM   223 O OP1   . DA  B 1 4 ? -0.296  -8.820  -5.890  1.00 32.28 ? 12 DA  B OP1   1 
ATOM   224 O OP2   . DA  B 1 4 ? -1.400  -7.211  -4.202  1.00 31.68 ? 12 DA  B OP2   1 
ATOM   225 O "O5'" . DA  B 1 4 ? 0.379   -6.427  -5.763  1.00 31.60 ? 12 DA  B "O5'" 1 
ATOM   226 C "C5'" . DA  B 1 4 ? 1.081   -6.394  -7.002  1.00 30.84 ? 12 DA  B "C5'" 1 
ATOM   227 C "C4'" . DA  B 1 4 ? 2.188   -5.372  -6.941  1.00 30.29 ? 12 DA  B "C4'" 1 
ATOM   228 O "O4'" . DA  B 1 4 ? 1.597   -4.061  -6.871  1.00 29.82 ? 12 DA  B "O4'" 1 
ATOM   229 C "C3'" . DA  B 1 4 ? 3.050   -5.486  -5.692  1.00 30.19 ? 12 DA  B "C3'" 1 
ATOM   230 O "O3'" . DA  B 1 4 ? 4.197   -6.293  -5.945  1.00 30.32 ? 12 DA  B "O3'" 1 
ATOM   231 C "C2'" . DA  B 1 4 ? 3.491   -4.055  -5.440  1.00 29.74 ? 12 DA  B "C2'" 1 
ATOM   232 C "C1'" . DA  B 1 4 ? 2.365   -3.214  -6.028  1.00 29.41 ? 12 DA  B "C1'" 1 
ATOM   233 N N9    . DA  B 1 4 ? 1.483   -2.717  -4.985  1.00 29.01 ? 12 DA  B N9    1 
ATOM   234 C C8    . DA  B 1 4 ? 0.270   -3.209  -4.570  1.00 28.75 ? 12 DA  B C8    1 
ATOM   235 N N7    . DA  B 1 4 ? -0.256  -2.538  -3.573  1.00 28.59 ? 12 DA  B N7    1 
ATOM   236 C C5    . DA  B 1 4 ? 0.669   -1.535  -3.325  1.00 28.48 ? 12 DA  B C5    1 
ATOM   237 C C6    . DA  B 1 4 ? 0.701   -0.500  -2.405  1.00 28.39 ? 12 DA  B C6    1 
ATOM   238 N N6    . DA  B 1 4 ? -0.261  -0.266  -1.512  1.00 28.19 ? 12 DA  B N6    1 
ATOM   239 N N1    . DA  B 1 4 ? 1.775   0.313   -2.429  1.00 28.37 ? 12 DA  B N1    1 
ATOM   240 C C2    . DA  B 1 4 ? 2.738   0.095   -3.319  1.00 28.44 ? 12 DA  B C2    1 
ATOM   241 N N3    . DA  B 1 4 ? 2.818   -0.839  -4.239  1.00 28.68 ? 12 DA  B N3    1 
ATOM   242 C C4    . DA  B 1 4 ? 1.737   -1.635  -4.191  1.00 28.70 ? 12 DA  B C4    1 
ATOM   243 P P     . DT  B 1 5 ? 4.918   -7.034  -4.718  1.00 30.41 ? 13 DT  B P     1 
ATOM   244 O OP1   . DT  B 1 5 ? 5.873   -8.020  -5.280  1.00 30.43 ? 13 DT  B OP1   1 
ATOM   245 O OP2   . DT  B 1 5 ? 3.847   -7.482  -3.785  1.00 30.07 ? 13 DT  B OP2   1 
ATOM   246 O "O5'" . DT  B 1 5 ? 5.761   -5.871  -4.033  1.00 29.93 ? 13 DT  B "O5'" 1 
ATOM   247 C "C5'" . DT  B 1 5 ? 6.920   -5.352  -4.675  1.00 29.16 ? 13 DT  B "C5'" 1 
ATOM   248 C "C4'" . DT  B 1 5 ? 7.465   -4.188  -3.885  1.00 28.92 ? 13 DT  B "C4'" 1 
ATOM   249 O "O4'" . DT  B 1 5 ? 6.393   -3.232  -3.746  1.00 28.75 ? 13 DT  B "O4'" 1 
ATOM   250 C "C3'" . DT  B 1 5 ? 7.842   -4.546  -2.449  1.00 28.77 ? 13 DT  B "C3'" 1 
ATOM   251 O "O3'" . DT  B 1 5 ? 9.237   -4.795  -2.300  1.00 28.75 ? 13 DT  B "O3'" 1 
ATOM   252 C "C2'" . DT  B 1 5 ? 7.584   -3.264  -1.693  1.00 28.65 ? 13 DT  B "C2'" 1 
ATOM   253 C "C1'" . DT  B 1 5 ? 6.494   -2.576  -2.491  1.00 28.56 ? 13 DT  B "C1'" 1 
ATOM   254 N N1    . DT  B 1 5 ? 5.211   -2.654  -1.813  1.00 28.35 ? 13 DT  B N1    1 
ATOM   255 C C2    . DT  B 1 5 ? 4.981   -1.674  -0.885  1.00 28.26 ? 13 DT  B C2    1 
ATOM   256 O O2    . DT  B 1 5 ? 5.795   -0.791  -0.639  1.00 28.00 ? 13 DT  B O2    1 
ATOM   257 N N3    . DT  B 1 5 ? 3.778   -1.757  -0.249  1.00 28.30 ? 13 DT  B N3    1 
ATOM   258 C C4    . DT  B 1 5 ? 2.797   -2.708  -0.431  1.00 28.50 ? 13 DT  B C4    1 
ATOM   259 O O4    . DT  B 1 5 ? 1.757   -2.633  0.231   1.00 28.68 ? 13 DT  B O4    1 
ATOM   260 C C5    . DT  B 1 5 ? 3.108   -3.731  -1.429  1.00 28.58 ? 13 DT  B C5    1 
ATOM   261 C C7    . DT  B 1 5 ? 2.117   -4.824  -1.702  1.00 28.56 ? 13 DT  B C7    1 
ATOM   262 C C6    . DT  B 1 5 ? 4.287   -3.645  -2.066  1.00 28.44 ? 13 DT  B C6    1 
ATOM   263 P P     . DG  B 1 6 ? 9.757   -5.550  -0.980  1.00 28.77 ? 14 DG  B P     1 
ATOM   264 O OP1   . DG  B 1 6 ? 11.165  -5.968  -1.229  1.00 28.88 ? 14 DG  B OP1   1 
ATOM   265 O OP2   . DG  B 1 6 ? 8.743   -6.553  -0.573  1.00 28.91 ? 14 DG  B OP2   1 
ATOM   266 O "O5'" . DG  B 1 6 ? 9.733   -4.441  0.157   1.00 27.84 ? 14 DG  B "O5'" 1 
ATOM   267 C "C5'" . DG  B 1 6 ? 10.748  -3.465  0.164   1.00 26.83 ? 14 DG  B "C5'" 1 
ATOM   268 C "C4'" . DG  B 1 6 ? 10.486  -2.413  1.211   1.00 25.73 ? 14 DG  B "C4'" 1 
ATOM   269 O "O4'" . DG  B 1 6 ? 9.220   -1.780  0.919   1.00 25.17 ? 14 DG  B "O4'" 1 
ATOM   270 C "C3'" . DG  B 1 6 ? 10.315  -2.981  2.609   1.00 25.28 ? 14 DG  B "C3'" 1 
ATOM   271 O "O3'" . DG  B 1 6 ? 11.531  -3.020  3.336   1.00 25.30 ? 14 DG  B "O3'" 1 
ATOM   272 C "C2'" . DG  B 1 6 ? 9.409   -1.968  3.271   1.00 24.92 ? 14 DG  B "C2'" 1 
ATOM   273 C "C1'" . DG  B 1 6 ? 8.595   -1.397  2.131   1.00 24.63 ? 14 DG  B "C1'" 1 
ATOM   274 N N9    . DG  B 1 6 ? 7.284   -1.972  2.189   1.00 24.01 ? 14 DG  B N9    1 
ATOM   275 C C8    . DG  B 1 6 ? 6.754   -3.017  1.486   1.00 23.81 ? 14 DG  B C8    1 
ATOM   276 N N7    . DG  B 1 6 ? 5.528   -3.299  1.846   1.00 23.94 ? 14 DG  B N7    1 
ATOM   277 C C5    . DG  B 1 6 ? 5.244   -2.370  2.844   1.00 23.99 ? 14 DG  B C5    1 
ATOM   278 C C6    . DG  B 1 6 ? 4.056   -2.154  3.643   1.00 23.82 ? 14 DG  B C6    1 
ATOM   279 O O6    . DG  B 1 6 ? 2.977   -2.781  3.644   1.00 23.32 ? 14 DG  B O6    1 
ATOM   280 N N1    . DG  B 1 6 ? 4.227   -1.079  4.519   1.00 23.63 ? 14 DG  B N1    1 
ATOM   281 C C2    . DG  B 1 6 ? 5.379   -0.323  4.634   1.00 23.85 ? 14 DG  B C2    1 
ATOM   282 N N2    . DG  B 1 6 ? 5.385   0.673   5.533   1.00 23.56 ? 14 DG  B N2    1 
ATOM   283 N N3    . DG  B 1 6 ? 6.464   -0.526  3.917   1.00 24.01 ? 14 DG  B N3    1 
ATOM   284 C C4    . DG  B 1 6 ? 6.327   -1.549  3.048   1.00 24.05 ? 14 DG  B C4    1 
ATOM   285 P P     . DC  B 1 7 ? 11.635  -3.966  4.628   1.00 25.17 ? 15 DC  B P     1 
ATOM   286 O OP1   . DC  B 1 7 ? 13.078  -4.110  4.941   1.00 25.50 ? 15 DC  B OP1   1 
ATOM   287 O OP2   . DC  B 1 7 ? 10.822  -5.166  4.315   1.00 25.23 ? 15 DC  B OP2   1 
ATOM   288 O "O5'" . DC  B 1 7 ? 10.904  -3.139  5.783   1.00 24.97 ? 15 DC  B "O5'" 1 
ATOM   289 C "C5'" . DC  B 1 7 ? 11.537  -1.991  6.360   1.00 24.95 ? 15 DC  B "C5'" 1 
ATOM   290 C "C4'" . DC  B 1 7 ? 10.653  -1.358  7.413   1.00 25.00 ? 15 DC  B "C4'" 1 
ATOM   291 O "O4'" . DC  B 1 7 ? 9.401   -0.995  6.791   1.00 24.99 ? 15 DC  B "O4'" 1 
ATOM   292 C "C3'" . DC  B 1 7 ? 10.253  -2.275  8.558   1.00 25.33 ? 15 DC  B "C3'" 1 
ATOM   293 O "O3'" . DC  B 1 7 ? 11.099  -2.144  9.691   1.00 25.79 ? 15 DC  B "O3'" 1 
ATOM   294 C "C2'" . DC  B 1 7 ? 8.891   -1.753  8.972   1.00 25.20 ? 15 DC  B "C2'" 1 
ATOM   295 C "C1'" . DC  B 1 7 ? 8.320   -1.154  7.705   1.00 24.76 ? 15 DC  B "C1'" 1 
ATOM   296 N N1    . DC  B 1 7 ? 7.354   -2.084  7.128   1.00 24.09 ? 15 DC  B N1    1 
ATOM   297 C C2    . DC  B 1 7 ? 6.100   -2.140  7.695   1.00 23.65 ? 15 DC  B C2    1 
ATOM   298 O O2    . DC  B 1 7 ? 5.835   -1.387  8.622   1.00 23.60 ? 15 DC  B O2    1 
ATOM   299 N N3    . DC  B 1 7 ? 5.200   -3.010  7.229   1.00 23.59 ? 15 DC  B N3    1 
ATOM   300 C C4    . DC  B 1 7 ? 5.507   -3.803  6.210   1.00 23.82 ? 15 DC  B C4    1 
ATOM   301 N N4    . DC  B 1 7 ? 4.552   -4.642  5.770   1.00 24.19 ? 15 DC  B N4    1 
ATOM   302 C C5    . DC  B 1 7 ? 6.791   -3.772  5.593   1.00 23.74 ? 15 DC  B C5    1 
ATOM   303 C C6    . DC  B 1 7 ? 7.677   -2.898  6.080   1.00 24.02 ? 15 DC  B C6    1 
ATOM   304 P P     . DC  B 1 8 ? 11.128  -3.332  10.772  1.00 26.26 ? 16 DC  B P     1 
ATOM   305 O OP1   . DC  B 1 8 ? 12.264  -3.028  11.681  1.00 26.55 ? 16 DC  B OP1   1 
ATOM   306 O OP2   . DC  B 1 8 ? 11.027  -4.659  10.109  1.00 25.91 ? 16 DC  B OP2   1 
ATOM   307 O "O5'" . DC  B 1 8 ? 9.766   -3.178  11.577  1.00 26.17 ? 16 DC  B "O5'" 1 
ATOM   308 C "C5'" . DC  B 1 8 ? 9.640   -2.154  12.557  1.00 25.76 ? 16 DC  B "C5'" 1 
ATOM   309 C "C4'" . DC  B 1 8 ? 8.248   -2.148  13.139  1.00 25.41 ? 16 DC  B "C4'" 1 
ATOM   310 O "O4'" . DC  B 1 8 ? 7.326   -2.239  12.026  1.00 25.08 ? 16 DC  B "O4'" 1 
ATOM   311 C "C3'" . DC  B 1 8 ? 7.937   -3.396  13.966  1.00 25.27 ? 16 DC  B "C3'" 1 
ATOM   312 O "O3'" . DC  B 1 8 ? 8.331   -3.248  15.354  1.00 25.65 ? 16 DC  B "O3'" 1 
ATOM   313 C "C2'" . DC  B 1 8 ? 6.439   -3.544  13.807  1.00 24.81 ? 16 DC  B "C2'" 1 
ATOM   314 C "C1'" . DC  B 1 8 ? 6.156   -2.893  12.464  1.00 24.42 ? 16 DC  B "C1'" 1 
ATOM   315 N N1    . DC  B 1 8 ? 5.687   -3.807  11.432  1.00 23.99 ? 16 DC  B N1    1 
ATOM   316 C C2    . DC  B 1 8 ? 4.393   -4.228  11.570  1.00 23.84 ? 16 DC  B C2    1 
ATOM   317 O O2    . DC  B 1 8 ? 3.753   -3.789  12.548  1.00 23.80 ? 16 DC  B O2    1 
ATOM   318 N N3    . DC  B 1 8 ? 3.859   -5.084  10.664  1.00 23.30 ? 16 DC  B N3    1 
ATOM   319 C C4    . DC  B 1 8 ? 4.599   -5.528  9.650   1.00 23.30 ? 16 DC  B C4    1 
ATOM   320 N N4    . DC  B 1 8 ? 4.020   -6.371  8.788   1.00 22.98 ? 16 DC  B N4    1 
ATOM   321 C C5    . DC  B 1 8 ? 5.958   -5.113  9.478   1.00 23.54 ? 16 DC  B C5    1 
ATOM   322 C C6    . DC  B 1 8 ? 6.461   -4.250  10.393  1.00 23.85 ? 16 DC  B C6    1 
HETATM 323 O O     . HOH C 2 . ? -4.494  6.534   -16.671 1.00 19.22 ? 20 HOH A O     1 
HETATM 324 O O     . HOH C 2 . ? -9.739  2.578   -11.931 1.00 22.49 ? 21 HOH A O     1 
HETATM 325 O O     . HOH C 2 . ? 2.163   12.046  -6.436  1.00 25.76 ? 22 HOH A O     1 
HETATM 326 O O     . HOH C 2 . ? -2.272  -0.632  2.448   1.00 22.44 ? 24 HOH A O     1 
HETATM 327 O O     . HOH C 2 . ? -0.628  8.877   -1.784  1.00 35.22 ? 25 HOH A O     1 
HETATM 328 O O     . HOH C 2 . ? -4.083  8.376   -7.007  1.00 28.08 ? 26 HOH A O     1 
HETATM 329 O O     . HOH C 2 . ? -2.441  2.218   0.490   1.00 31.92 ? 28 HOH A O     1 
HETATM 330 O O     . HOH C 2 . ? -3.303  6.714   -3.762  1.00 21.50 ? 35 HOH A O     1 
HETATM 331 O O     . HOH C 2 . ? -9.964  -0.187  10.650  1.00 37.33 ? 37 HOH A O     1 
HETATM 332 O O     . HOH C 2 . ? -2.521  8.829   1.079   1.00 40.87 ? 38 HOH A O     1 
HETATM 333 O O     . HOH C 2 . ? -2.472  5.989   3.432   1.00 22.50 ? 39 HOH A O     1 
HETATM 334 O O     . HOH C 2 . ? 0.541   13.460  1.769   1.00 35.78 ? 41 HOH A O     1 
HETATM 335 O O     . HOH C 2 . ? -2.511  10.119  3.823   1.00 32.53 ? 42 HOH A O     1 
HETATM 336 O O     . HOH C 2 . ? -2.002  1.866   3.992   1.00 41.24 ? 43 HOH A O     1 
HETATM 337 O O     . HOH C 2 . ? -2.437  9.997   -12.286 1.00 47.09 ? 44 HOH A O     1 
HETATM 338 O O     . HOH C 2 . ? -1.972  5.117   -1.821  1.00 33.35 ? 45 HOH A O     1 
HETATM 339 O O     . HOH C 2 . ? -6.474  -3.978  6.523   1.00 35.03 ? 46 HOH A O     1 
HETATM 340 O O     . HOH C 2 . ? -6.689  1.904   -16.236 1.00 20.12 ? 48 HOH A O     1 
HETATM 341 O O     . HOH C 2 . ? 0.618   11.240  0.142   1.00 40.52 ? 49 HOH A O     1 
HETATM 342 O O     . HOH C 2 . ? -4.892  5.711   4.847   1.00 39.77 ? 51 HOH A O     1 
HETATM 343 O O     . HOH C 2 . ? 5.090   9.167   -10.570 1.00 37.75 ? 55 HOH A O     1 
HETATM 344 O O     . HOH C 2 . ? -10.272 -4.672  12.184  1.00 27.55 ? 56 HOH A O     1 
HETATM 345 O O     . HOH C 2 . ? -1.301  8.468   -5.471  1.00 45.63 ? 59 HOH A O     1 
HETATM 346 O O     . HOH C 2 . ? 5.386   12.842  -10.834 1.00 35.58 ? 60 HOH A O     1 
HETATM 347 O O     . HOH C 2 . ? -6.180  -6.345  8.051   1.00 38.71 ? 64 HOH A O     1 
HETATM 348 O O     . HOH C 2 . ? 0.865   13.202  -3.884  1.00 35.90 ? 66 HOH A O     1 
HETATM 349 O O     . HOH C 2 . ? -6.415  -0.452  6.148   1.00 38.88 ? 67 HOH A O     1 
HETATM 350 O O     . HOH C 2 . ? 3.612   8.472   -12.991 1.00 31.15 ? 76 HOH A O     1 
HETATM 351 O O     . HOH C 2 . ? -4.011  3.095   -1.903  1.00 32.67 ? 77 HOH A O     1 
HETATM 352 O O     . HOH C 2 . ? 1.786   15.428  -9.356  1.00 33.63 ? 78 HOH A O     1 
HETATM 353 O O     . HOH C 2 . ? 5.485   12.258  -6.201  1.00 33.92 ? 79 HOH A O     1 
HETATM 354 O O     . HOH C 2 . ? 6.080   11.494  -16.324 1.00 31.80 ? 80 HOH A O     1 
HETATM 355 O O     . HOH C 2 . ? -0.502  10.749  6.193   1.00 32.90 ? 82 HOH A O     1 
HETATM 356 O O     . HOH D 2 . ? -6.949  3.123   -2.706  1.00 32.59 ? 17 HOH B O     1 
HETATM 357 O O     . HOH D 2 . ? -0.117  -7.156  5.229   1.00 19.42 ? 18 HOH B O     1 
HETATM 358 O O     . HOH D 2 . ? -7.271  -10.055 -7.705  1.00 37.21 ? 19 HOH B O     1 
HETATM 359 O O     . HOH D 2 . ? -7.023  -3.395  -1.407  1.00 30.53 ? 23 HOH B O     1 
HETATM 360 O O     . HOH D 2 . ? 10.604  -9.800  -4.327  1.00 34.44 ? 27 HOH B O     1 
HETATM 361 O O     . HOH D 2 . ? -1.995  -2.940  -1.295  1.00 46.30 ? 29 HOH B O     1 
HETATM 362 O O     . HOH D 2 . ? 4.890   -8.599  -1.637  1.00 33.62 ? 30 HOH B O     1 
HETATM 363 O O     . HOH D 2 . ? 6.110   -6.688  -0.004  1.00 27.93 ? 31 HOH B O     1 
HETATM 364 O O     . HOH D 2 . ? -13.815 3.125   0.319   1.00 37.10 ? 32 HOH B O     1 
HETATM 365 O O     . HOH D 2 . ? -0.506  -2.551  -9.685  1.00 29.44 ? 33 HOH B O     1 
HETATM 366 O O     . HOH D 2 . ? 4.741   -5.367  3.088   1.00 37.69 ? 34 HOH B O     1 
HETATM 367 O O     . HOH D 2 . ? 13.156  -0.432  -0.658  1.00 47.58 ? 36 HOH B O     1 
HETATM 368 O O     . HOH D 2 . ? -11.810 5.327   -0.364  1.00 33.65 ? 40 HOH B O     1 
HETATM 369 O O     . HOH D 2 . ? 10.794  0.938   -0.212  1.00 30.85 ? 47 HOH B O     1 
HETATM 370 O O     . HOH D 2 . ? 13.933  -6.076  0.232   1.00 43.54 ? 50 HOH B O     1 
HETATM 371 O O     . HOH D 2 . ? 8.813   2.027   4.135   1.00 42.75 ? 52 HOH B O     1 
HETATM 372 O O     . HOH D 2 . ? -7.065  -2.373  -10.032 1.00 32.21 ? 53 HOH B O     1 
HETATM 373 O O     . HOH D 2 . ? -4.706  -5.734  -0.641  1.00 43.21 ? 54 HOH B O     1 
HETATM 374 O O     . HOH D 2 . ? -13.041 -4.212  0.108   1.00 36.45 ? 57 HOH B O     1 
HETATM 375 O O     . HOH D 2 . ? -10.380 0.228   1.820   1.00 37.63 ? 58 HOH B O     1 
HETATM 376 O O     . HOH D 2 . ? -7.812  0.641   -1.224  1.00 24.15 ? 61 HOH B O     1 
HETATM 377 O O     . HOH D 2 . ? -2.375  -6.980  4.196   1.00 33.97 ? 62 HOH B O     1 
HETATM 378 O O     . HOH D 2 . ? 6.680   -14.916 -2.773  1.00 32.56 ? 63 HOH B O     1 
HETATM 379 O O     . HOH D 2 . ? -11.325 2.025   4.257   1.00 35.74 ? 65 HOH B O     1 
HETATM 380 O O     . HOH D 2 . ? -9.659  -5.106  1.476   1.00 33.56 ? 68 HOH B O     1 
HETATM 381 O O     . HOH D 2 . ? 14.301  -2.533  9.540   1.00 34.08 ? 69 HOH B O     1 
HETATM 382 O O     . HOH D 2 . ? -8.601  3.680   -0.855  1.00 33.83 ? 70 HOH B O     1 
HETATM 383 O O     . HOH D 2 . ? -11.481 5.106   3.216   1.00 33.44 ? 71 HOH B O     1 
HETATM 384 O O     . HOH D 2 . ? 1.468   -5.999  2.356   1.00 31.19 ? 72 HOH B O     1 
HETATM 385 O O     . HOH D 2 . ? 13.083  -12.413 -3.514  1.00 34.09 ? 73 HOH B O     1 
HETATM 386 O O     . HOH D 2 . ? -9.045  -9.395  -5.446  1.00 29.71 ? 74 HOH B O     1 
HETATM 387 O O     . HOH D 2 . ? -0.351  -15.421 -6.312  1.00 27.19 ? 75 HOH B O     1 
HETATM 388 O O     . HOH D 2 . ? 3.693   -6.773  0.910   1.00 29.53 ? 81 HOH B O     1 
# 
